data_1WDD
#
_entry.id   1WDD
#
_cell.length_a   111.713
_cell.length_b   111.713
_cell.length_c   196.780
_cell.angle_alpha   90.00
_cell.angle_beta   90.00
_cell.angle_gamma   90.00
#
_symmetry.space_group_name_H-M   'I 4'
#
loop_
_entity.id
_entity.type
_entity.pdbx_description
1 polymer 'Ribulose bisphosphate carboxylase large chain'
2 polymer 'Ribulose bisphosphate carboxylase small chain C'
3 non-polymer 'MAGNESIUM ION'
4 non-polymer 2-CARBOXYARABINITOL-1,5-DIPHOSPHATE
5 non-polymer GLYCEROL
6 water water
#
loop_
_entity_poly.entity_id
_entity_poly.type
_entity_poly.pdbx_seq_one_letter_code
_entity_poly.pdbx_strand_id
1 'polypeptide(L)'
;MSPQTETKASVGFKAGVKDYKLTYYTPEYETKDTDILAAFRVTPQPGVPPEEAGAAVAAESSTGTWTTVWTDGLTSLDRY
KGRCYHIEPVVGEDNQYIAYVAYPLDLFEEGSVTNMFTSIVGNVFGFKALRALRLEDLRIPPTYSKTFQGPPHGIQVERD
KLNKYGRPLLGCTIKPKLGLSAKNYGRACYECLRGGLDFT(KCX)DDENVNSQPFMRWRDRFVFCAEAIYKSQAETGEIK
GHYLNATAGTCEEMIKRAVFARELGVPIVMHDYLTGGFTANTSLAHYCRDNGLLLHIHRAMHAVIDRQKNHGMHFRVLAK
ALRMSGGDHIHAGTVVGKLEGEREMTLGFVDLLRDDFIEKDRARGIFFTQDWVSMPGVIPVASGGIHVWHMPALTEIFGD
DSVLQFGGGTLGHPWGNAPGAAANRVALEACVQARNEGRDLAREGNEIIRSACKWSPELAAACEIWKAIKFEFEPVDKLD
S
;
A,E
2 'polypeptide(L)'
;(MME)QVWPIEGIKKFETLSYLPPLTVEDLLKQIEYLLRSKWVPCLEFSKVGFVYRENHRSPGYYDGRYWTMWKLPMFGC
TDATQVLKELEEAKKAYPDAFVRIIGFDNVRQVQLISFIAYKPPGCEESGGN
;
S,W
#
loop_
_chem_comp.id
_chem_comp.type
_chem_comp.name
_chem_comp.formula
CAP saccharide 2-CARBOXYARABINITOL-1,5-DIPHOSPHATE 'C6 H14 O13 P2'
GOL non-polymer GLYCEROL 'C3 H8 O3'
MG non-polymer 'MAGNESIUM ION' 'Mg 2'
#
# COMPACT_ATOMS: atom_id res chain seq x y z
N VAL A 11 -35.88 11.31 18.44
CA VAL A 11 -35.85 11.57 19.91
C VAL A 11 -34.62 12.40 20.25
N GLY A 12 -34.61 12.92 21.48
CA GLY A 12 -33.52 13.76 21.92
C GLY A 12 -32.12 13.18 21.82
N PHE A 13 -31.16 14.08 21.76
CA PHE A 13 -29.76 13.67 21.72
C PHE A 13 -29.38 13.30 23.15
N LYS A 14 -28.89 12.09 23.34
CA LYS A 14 -28.44 11.68 24.68
C LYS A 14 -26.94 11.39 24.62
N ALA A 15 -26.13 12.26 25.22
CA ALA A 15 -24.69 12.07 25.19
C ALA A 15 -24.27 10.84 25.98
N GLY A 16 -23.16 10.26 25.56
CA GLY A 16 -22.62 9.12 26.27
C GLY A 16 -22.39 7.91 25.40
N VAL A 17 -21.77 6.90 25.99
CA VAL A 17 -21.42 5.69 25.30
C VAL A 17 -22.47 4.61 25.38
N LYS A 18 -22.71 3.91 24.27
CA LYS A 18 -23.58 2.74 24.34
C LYS A 18 -22.97 1.70 23.43
N ASP A 19 -23.43 0.46 23.55
CA ASP A 19 -22.82 -0.60 22.76
C ASP A 19 -23.06 -0.39 21.26
N TYR A 20 -22.02 -0.69 20.48
CA TYR A 20 -22.18 -0.58 18.99
C TYR A 20 -23.34 -1.49 18.50
N LYS A 21 -23.57 -2.65 19.14
CA LYS A 21 -24.58 -3.55 18.60
C LYS A 21 -25.99 -3.00 18.64
N LEU A 22 -26.24 -1.96 19.43
CA LEU A 22 -27.58 -1.41 19.48
C LEU A 22 -27.95 -0.77 18.17
N THR A 23 -26.94 -0.34 17.40
CA THR A 23 -27.22 0.35 16.15
C THR A 23 -26.67 -0.41 14.94
N TYR A 24 -25.56 -1.13 15.15
CA TYR A 24 -24.84 -1.73 14.02
C TYR A 24 -24.88 -3.23 13.86
N TYR A 25 -25.63 -3.90 14.74
CA TYR A 25 -25.85 -5.34 14.56
C TYR A 25 -27.35 -5.40 14.14
N THR A 26 -27.58 -5.83 12.87
CA THR A 26 -28.94 -5.82 12.30
C THR A 26 -29.15 -7.15 11.61
N PRO A 27 -29.37 -8.23 12.40
CA PRO A 27 -29.57 -9.55 11.79
C PRO A 27 -30.78 -9.76 10.91
N GLU A 28 -31.72 -8.80 10.95
CA GLU A 28 -32.92 -8.85 10.12
C GLU A 28 -32.71 -8.16 8.76
N TYR A 29 -31.55 -7.53 8.58
CA TYR A 29 -31.32 -6.80 7.34
C TYR A 29 -31.20 -7.70 6.14
N GLU A 30 -31.87 -7.31 5.06
CA GLU A 30 -31.77 -8.04 3.79
C GLU A 30 -30.85 -7.18 2.91
N THR A 31 -29.78 -7.78 2.45
CA THR A 31 -28.81 -7.00 1.67
C THR A 31 -29.42 -6.53 0.35
N LYS A 32 -28.89 -5.43 -0.14
CA LYS A 32 -29.34 -4.83 -1.39
C LYS A 32 -28.36 -5.20 -2.51
N ASP A 33 -28.80 -5.26 -3.76
CA ASP A 33 -27.86 -5.65 -4.81
C ASP A 33 -26.82 -4.58 -5.12
N THR A 34 -26.99 -3.42 -4.51
CA THR A 34 -26.00 -2.34 -4.66
C THR A 34 -25.01 -2.27 -3.47
N ASP A 35 -25.24 -3.05 -2.44
CA ASP A 35 -24.34 -2.99 -1.26
C ASP A 35 -22.99 -3.67 -1.55
N ILE A 36 -21.92 -3.17 -0.95
CA ILE A 36 -20.67 -3.90 -0.97
C ILE A 36 -20.75 -4.79 0.30
N LEU A 37 -20.51 -6.11 0.14
CA LEU A 37 -20.59 -7.04 1.29
C LEU A 37 -19.19 -7.47 1.66
N ALA A 38 -18.93 -7.58 2.97
CA ALA A 38 -17.59 -8.01 3.40
C ALA A 38 -17.74 -9.21 4.33
N ALA A 39 -16.85 -10.18 4.16
CA ALA A 39 -16.84 -11.34 5.08
C ALA A 39 -15.58 -11.19 5.96
N PHE A 40 -15.75 -10.91 7.24
CA PHE A 40 -14.60 -10.74 8.15
C PHE A 40 -14.45 -11.95 9.08
N ARG A 41 -13.26 -12.51 9.16
CA ARG A 41 -12.97 -13.54 10.16
C ARG A 41 -12.50 -12.74 11.42
N VAL A 42 -13.33 -12.75 12.46
CA VAL A 42 -13.10 -11.95 13.64
C VAL A 42 -12.84 -12.79 14.87
N THR A 43 -11.79 -12.44 15.62
CA THR A 43 -11.48 -13.13 16.88
C THR A 43 -11.62 -12.04 17.96
N PRO A 44 -12.73 -12.03 18.73
CA PRO A 44 -12.93 -11.03 19.77
C PRO A 44 -12.04 -11.27 20.99
N GLN A 45 -11.77 -10.19 21.74
CA GLN A 45 -11.07 -10.35 23.03
C GLN A 45 -12.04 -11.12 23.99
N PRO A 46 -11.50 -11.81 24.99
CA PRO A 46 -12.40 -12.53 25.93
C PRO A 46 -13.35 -11.51 26.55
N GLY A 47 -14.62 -11.89 26.67
CA GLY A 47 -15.57 -10.99 27.28
C GLY A 47 -16.34 -10.12 26.29
N VAL A 48 -15.85 -10.06 25.05
CA VAL A 48 -16.56 -9.24 24.06
C VAL A 48 -17.47 -10.18 23.25
N PRO A 49 -18.79 -9.98 23.31
CA PRO A 49 -19.71 -10.85 22.58
C PRO A 49 -19.44 -10.73 21.08
N PRO A 50 -19.62 -11.83 20.35
CA PRO A 50 -19.35 -11.73 18.92
C PRO A 50 -20.20 -10.67 18.23
N GLU A 51 -21.45 -10.48 18.68
CA GLU A 51 -22.31 -9.50 18.04
C GLU A 51 -21.74 -8.08 18.23
N GLU A 52 -21.11 -7.81 19.38
CA GLU A 52 -20.56 -6.52 19.64
C GLU A 52 -19.26 -6.37 18.82
N ALA A 53 -18.44 -7.43 18.70
CA ALA A 53 -17.24 -7.36 17.88
C ALA A 53 -17.65 -7.07 16.41
N GLY A 54 -18.67 -7.77 15.91
CA GLY A 54 -19.09 -7.56 14.52
C GLY A 54 -19.68 -6.20 14.35
N ALA A 55 -20.46 -5.73 15.32
CA ALA A 55 -21.04 -4.39 15.23
C ALA A 55 -19.97 -3.29 15.27
N ALA A 56 -18.96 -3.49 16.12
CA ALA A 56 -17.87 -2.49 16.20
C ALA A 56 -17.16 -2.41 14.84
N VAL A 57 -16.87 -3.55 14.24
CA VAL A 57 -16.21 -3.54 12.91
C VAL A 57 -17.13 -2.82 11.92
N ALA A 58 -18.45 -3.14 11.89
CA ALA A 58 -19.33 -2.41 10.95
C ALA A 58 -19.39 -0.91 11.22
N ALA A 59 -19.49 -0.51 12.49
CA ALA A 59 -19.63 0.88 12.84
C ALA A 59 -18.40 1.68 12.46
N GLU A 60 -17.25 1.17 12.87
CA GLU A 60 -16.01 1.93 12.71
C GLU A 60 -15.39 1.87 11.34
N SER A 61 -16.04 1.15 10.43
CA SER A 61 -15.63 1.16 9.01
C SER A 61 -16.70 1.88 8.18
N SER A 62 -17.65 2.57 8.83
CA SER A 62 -18.71 3.18 8.03
C SER A 62 -19.13 4.54 8.57
N THR A 63 -19.89 4.63 9.69
CA THR A 63 -20.39 5.91 10.19
C THR A 63 -20.20 6.19 11.66
N GLY A 64 -19.86 5.15 12.41
CA GLY A 64 -19.85 5.36 13.86
C GLY A 64 -18.55 5.70 14.53
N THR A 65 -18.65 6.20 15.78
CA THR A 65 -17.50 6.35 16.63
C THR A 65 -17.84 5.81 18.04
N TRP A 66 -16.98 6.07 19.00
CA TRP A 66 -17.06 5.40 20.30
C TRP A 66 -18.06 5.96 21.29
N THR A 67 -18.60 7.12 21.00
CA THR A 67 -19.60 7.76 21.88
C THR A 67 -20.66 8.40 20.98
N THR A 68 -21.85 8.68 21.51
CA THR A 68 -22.91 9.23 20.71
C THR A 68 -22.68 10.66 20.30
N VAL A 69 -22.88 10.93 19.02
CA VAL A 69 -22.67 12.30 18.54
C VAL A 69 -23.99 12.88 18.05
N TRP A 70 -24.21 14.15 18.35
CA TRP A 70 -25.50 14.75 17.97
C TRP A 70 -25.67 14.93 16.44
N THR A 71 -24.53 14.99 15.74
CA THR A 71 -24.57 15.20 14.30
C THR A 71 -25.15 14.00 13.56
N ASP A 72 -25.25 12.83 14.20
CA ASP A 72 -25.95 11.76 13.50
C ASP A 72 -27.36 12.21 13.14
N GLY A 73 -27.93 13.13 13.92
CA GLY A 73 -29.30 13.58 13.70
C GLY A 73 -29.46 14.51 12.48
N LEU A 74 -28.33 14.99 11.94
CA LEU A 74 -28.38 15.83 10.71
C LEU A 74 -28.53 15.01 9.44
N THR A 75 -28.22 13.73 9.53
CA THR A 75 -28.26 12.88 8.34
C THR A 75 -29.05 11.61 8.72
N SER A 76 -28.98 10.58 7.89
CA SER A 76 -29.77 9.36 8.12
C SER A 76 -28.86 8.16 8.30
N LEU A 77 -28.65 7.70 9.54
CA LEU A 77 -27.82 6.52 9.69
C LEU A 77 -28.52 5.35 9.04
N ASP A 78 -29.86 5.37 8.96
CA ASP A 78 -30.50 4.23 8.31
C ASP A 78 -30.04 4.08 6.86
N ARG A 79 -29.82 5.20 6.19
CA ARG A 79 -29.38 5.15 4.83
C ARG A 79 -27.88 4.82 4.68
N TYR A 80 -27.04 5.30 5.60
CA TYR A 80 -25.58 5.20 5.42
C TYR A 80 -24.82 4.22 6.26
N LYS A 81 -25.38 3.79 7.39
CA LYS A 81 -24.56 2.89 8.20
C LYS A 81 -24.17 1.57 7.60
N GLY A 82 -22.93 1.15 7.92
CA GLY A 82 -22.52 -0.20 7.61
C GLY A 82 -23.23 -1.06 8.67
N ARG A 83 -23.57 -2.29 8.31
CA ARG A 83 -24.29 -3.15 9.27
C ARG A 83 -23.90 -4.60 9.21
N CYS A 84 -23.65 -5.12 10.41
CA CYS A 84 -23.31 -6.51 10.54
C CYS A 84 -24.65 -7.26 10.53
N TYR A 85 -24.86 -8.03 9.49
CA TYR A 85 -26.18 -8.68 9.33
C TYR A 85 -26.21 -10.18 9.56
N HIS A 86 -25.05 -10.76 9.84
CA HIS A 86 -24.99 -12.20 10.09
C HIS A 86 -23.65 -12.52 10.71
N ILE A 87 -23.67 -13.40 11.72
CA ILE A 87 -22.45 -13.85 12.34
C ILE A 87 -22.48 -15.37 12.38
N GLU A 88 -21.41 -16.01 11.95
CA GLU A 88 -21.42 -17.46 12.03
C GLU A 88 -20.14 -17.96 12.65
N PRO A 89 -20.25 -18.90 13.59
CA PRO A 89 -19.03 -19.42 14.18
C PRO A 89 -18.17 -20.14 13.13
N VAL A 90 -16.85 -20.09 13.31
CA VAL A 90 -15.94 -20.80 12.41
C VAL A 90 -15.76 -22.26 12.86
N VAL A 91 -15.86 -23.18 11.91
CA VAL A 91 -15.73 -24.61 12.23
C VAL A 91 -14.41 -24.90 12.89
N GLY A 92 -14.47 -25.55 14.04
CA GLY A 92 -13.24 -25.91 14.75
C GLY A 92 -12.66 -24.85 15.67
N GLU A 93 -13.25 -23.67 15.71
CA GLU A 93 -12.68 -22.63 16.56
C GLU A 93 -13.56 -22.33 17.74
N ASP A 94 -12.99 -22.02 18.90
CA ASP A 94 -13.89 -21.70 19.98
C ASP A 94 -14.16 -20.21 20.10
N ASN A 95 -13.40 -19.38 19.40
CA ASN A 95 -13.59 -17.94 19.57
C ASN A 95 -13.34 -17.18 18.26
N GLN A 96 -13.78 -17.77 17.18
CA GLN A 96 -13.59 -17.10 15.87
C GLN A 96 -14.90 -17.20 15.13
N TYR A 97 -15.22 -16.13 14.40
CA TYR A 97 -16.50 -16.04 13.70
C TYR A 97 -16.32 -15.39 12.34
N ILE A 98 -17.24 -15.68 11.43
CA ILE A 98 -17.26 -14.91 10.20
C ILE A 98 -18.39 -13.91 10.41
N ALA A 99 -18.07 -12.60 10.46
CA ALA A 99 -19.10 -11.56 10.57
C ALA A 99 -19.29 -10.95 9.16
N TYR A 100 -20.52 -10.88 8.72
CA TYR A 100 -20.83 -10.37 7.40
C TYR A 100 -21.32 -8.95 7.56
N VAL A 101 -20.72 -8.03 6.80
CA VAL A 101 -21.08 -6.62 6.93
C VAL A 101 -21.52 -6.08 5.57
N ALA A 102 -22.61 -5.32 5.56
CA ALA A 102 -23.10 -4.72 4.31
C ALA A 102 -22.84 -3.19 4.39
N TYR A 103 -22.29 -2.64 3.30
CA TYR A 103 -21.97 -1.20 3.19
C TYR A 103 -22.76 -0.60 2.03
N PRO A 104 -23.54 0.42 2.27
CA PRO A 104 -24.31 1.04 1.18
C PRO A 104 -23.39 1.58 0.11
N LEU A 105 -23.86 1.52 -1.14
CA LEU A 105 -23.05 1.97 -2.26
C LEU A 105 -22.62 3.41 -2.10
N ASP A 106 -23.48 4.24 -1.50
CA ASP A 106 -23.15 5.68 -1.42
C ASP A 106 -21.95 5.94 -0.51
N LEU A 107 -21.47 4.96 0.23
CA LEU A 107 -20.33 5.25 1.08
C LEU A 107 -19.02 5.33 0.29
N PHE A 108 -19.04 4.93 -0.98
CA PHE A 108 -17.76 4.83 -1.69
C PHE A 108 -17.50 5.78 -2.81
N GLU A 109 -16.23 6.18 -2.93
CA GLU A 109 -15.87 7.01 -4.06
C GLU A 109 -15.77 6.14 -5.30
N GLU A 110 -16.48 6.60 -6.35
CA GLU A 110 -16.42 5.88 -7.60
C GLU A 110 -14.99 5.79 -8.16
N GLY A 111 -14.63 4.59 -8.64
CA GLY A 111 -13.33 4.46 -9.30
C GLY A 111 -12.11 4.41 -8.39
N SER A 112 -12.35 4.43 -7.08
CA SER A 112 -11.23 4.48 -6.14
C SER A 112 -11.10 3.26 -5.22
N VAL A 113 -10.22 2.33 -5.57
CA VAL A 113 -9.94 1.19 -4.70
C VAL A 113 -9.39 1.75 -3.38
N THR A 114 -8.57 2.81 -3.47
CA THR A 114 -8.03 3.43 -2.26
C THR A 114 -9.16 3.77 -1.29
N ASN A 115 -10.22 4.43 -1.77
CA ASN A 115 -11.29 4.77 -0.85
C ASN A 115 -11.98 3.54 -0.29
N MET A 116 -12.23 2.55 -1.14
CA MET A 116 -12.90 1.32 -0.65
C MET A 116 -12.12 0.69 0.49
N PHE A 117 -10.81 0.50 0.32
CA PHE A 117 -9.99 -0.09 1.39
C PHE A 117 -9.92 0.83 2.59
N THR A 118 -9.88 2.15 2.38
CA THR A 118 -9.78 3.07 3.55
C THR A 118 -10.95 2.87 4.47
N SER A 119 -12.16 2.73 3.92
CA SER A 119 -13.26 2.41 4.81
C SER A 119 -13.22 1.00 5.40
N ILE A 120 -13.18 -0.01 4.53
CA ILE A 120 -13.40 -1.36 5.00
C ILE A 120 -12.25 -1.88 5.85
N VAL A 121 -11.01 -1.45 5.57
CA VAL A 121 -9.91 -1.95 6.38
C VAL A 121 -9.07 -0.84 7.00
N GLY A 122 -9.61 0.39 7.04
CA GLY A 122 -8.81 1.51 7.52
C GLY A 122 -8.37 1.50 8.97
N ASN A 123 -9.34 1.33 9.86
CA ASN A 123 -9.01 1.41 11.30
C ASN A 123 -9.43 0.20 12.13
N VAL A 124 -10.34 -0.61 11.63
CA VAL A 124 -10.94 -1.63 12.51
C VAL A 124 -9.99 -2.73 12.92
N PHE A 125 -8.92 -2.97 12.17
CA PHE A 125 -7.99 -4.05 12.54
C PHE A 125 -7.17 -3.80 13.77
N GLY A 126 -7.16 -2.54 14.23
CA GLY A 126 -6.38 -2.14 15.43
C GLY A 126 -7.25 -2.02 16.66
N PHE A 127 -8.55 -2.36 16.60
CA PHE A 127 -9.37 -2.13 17.81
C PHE A 127 -8.92 -3.03 19.00
N LYS A 128 -8.82 -2.42 20.17
CA LYS A 128 -8.41 -3.15 21.39
C LYS A 128 -9.34 -4.31 21.67
N ALA A 129 -10.62 -4.15 21.33
CA ALA A 129 -11.64 -5.18 21.63
C ALA A 129 -11.53 -6.45 20.80
N LEU A 130 -10.65 -6.44 19.78
CA LEU A 130 -10.41 -7.60 18.97
C LEU A 130 -9.01 -8.17 19.23
N ARG A 131 -8.86 -9.47 19.11
CA ARG A 131 -7.52 -10.06 19.15
C ARG A 131 -6.99 -10.18 17.72
N ALA A 132 -7.88 -10.35 16.75
CA ALA A 132 -7.43 -10.55 15.35
C ALA A 132 -8.61 -10.30 14.42
N LEU A 133 -8.29 -9.97 13.18
CA LEU A 133 -9.32 -9.69 12.19
C LEU A 133 -8.71 -9.96 10.82
N ARG A 134 -9.46 -10.65 9.97
CA ARG A 134 -9.01 -10.91 8.59
C ARG A 134 -10.16 -10.67 7.62
N LEU A 135 -9.93 -9.84 6.58
CA LEU A 135 -10.99 -9.66 5.57
C LEU A 135 -10.78 -10.81 4.55
N GLU A 136 -11.79 -11.70 4.45
CA GLU A 136 -11.73 -12.88 3.55
C GLU A 136 -12.27 -12.60 2.15
N ASP A 137 -13.31 -11.78 2.04
CA ASP A 137 -13.86 -11.59 0.69
C ASP A 137 -14.71 -10.35 0.69
N LEU A 138 -14.91 -9.83 -0.51
CA LEU A 138 -15.77 -8.64 -0.72
C LEU A 138 -16.68 -8.92 -1.90
N ARG A 139 -17.95 -8.64 -1.73
CA ARG A 139 -18.87 -8.75 -2.88
C ARG A 139 -18.96 -7.34 -3.52
N ILE A 140 -18.33 -7.21 -4.69
CA ILE A 140 -18.27 -5.88 -5.37
C ILE A 140 -19.49 -5.89 -6.31
N PRO A 141 -20.46 -5.03 -6.05
CA PRO A 141 -21.65 -5.01 -6.89
C PRO A 141 -21.36 -4.39 -8.24
N PRO A 142 -22.09 -4.81 -9.28
CA PRO A 142 -21.88 -4.25 -10.61
C PRO A 142 -22.01 -2.73 -10.61
N THR A 143 -22.90 -2.17 -9.79
CA THR A 143 -23.07 -0.73 -9.77
C THR A 143 -21.79 -0.02 -9.33
N TYR A 144 -20.92 -0.69 -8.57
CA TYR A 144 -19.68 -0.05 -8.19
C TYR A 144 -18.57 -0.42 -9.19
N SER A 145 -18.50 -1.69 -9.62
CA SER A 145 -17.40 -2.04 -10.53
C SER A 145 -17.46 -1.30 -11.86
N LYS A 146 -18.66 -0.93 -12.33
CA LYS A 146 -18.77 -0.21 -13.58
C LYS A 146 -18.13 1.19 -13.52
N THR A 147 -17.83 1.68 -12.33
CA THR A 147 -17.18 2.99 -12.19
C THR A 147 -15.66 2.90 -12.34
N PHE A 148 -15.14 1.70 -12.58
CA PHE A 148 -13.69 1.48 -12.75
C PHE A 148 -13.35 1.12 -14.18
N GLN A 149 -12.19 1.58 -14.64
CA GLN A 149 -11.78 1.15 -15.97
C GLN A 149 -11.47 -0.33 -16.05
N GLY A 150 -10.79 -0.83 -15.00
CA GLY A 150 -10.34 -2.19 -14.99
C GLY A 150 -9.12 -2.37 -15.88
N PRO A 151 -8.85 -3.61 -16.29
CA PRO A 151 -7.68 -3.87 -17.13
C PRO A 151 -7.56 -2.97 -18.37
N PRO A 152 -6.36 -2.48 -18.64
CA PRO A 152 -6.18 -1.63 -19.83
C PRO A 152 -6.62 -2.41 -21.09
N HIS A 153 -6.40 -3.74 -21.12
CA HIS A 153 -6.73 -4.52 -22.35
C HIS A 153 -7.50 -5.78 -21.99
N GLY A 154 -6.95 -6.62 -21.12
CA GLY A 154 -7.67 -7.85 -20.82
C GLY A 154 -7.22 -9.02 -21.70
N ILE A 155 -7.63 -10.22 -21.28
CA ILE A 155 -7.16 -11.41 -21.91
C ILE A 155 -7.29 -11.48 -23.42
N GLN A 156 -8.53 -11.30 -23.89
CA GLN A 156 -8.79 -11.41 -25.35
C GLN A 156 -7.97 -10.42 -26.15
N VAL A 157 -8.02 -9.18 -25.69
CA VAL A 157 -7.30 -8.14 -26.43
C VAL A 157 -5.80 -8.36 -26.44
N GLU A 158 -5.25 -8.79 -25.29
CA GLU A 158 -3.83 -9.04 -25.24
C GLU A 158 -3.44 -10.18 -26.24
N ARG A 159 -4.19 -11.26 -26.24
CA ARG A 159 -3.87 -12.35 -27.17
C ARG A 159 -3.97 -11.85 -28.61
N ASP A 160 -4.98 -11.00 -28.88
CA ASP A 160 -5.13 -10.46 -30.23
C ASP A 160 -4.02 -9.49 -30.65
N LYS A 161 -3.54 -8.69 -29.68
CA LYS A 161 -2.43 -7.81 -30.01
C LYS A 161 -1.13 -8.53 -30.29
N LEU A 162 -0.90 -9.60 -29.53
CA LEU A 162 0.35 -10.34 -29.66
C LEU A 162 0.26 -11.47 -30.67
N ASN A 163 -0.94 -11.78 -31.14
CA ASN A 163 -1.16 -12.90 -32.11
C ASN A 163 -0.72 -14.22 -31.48
N LYS A 164 -1.05 -14.41 -30.21
CA LYS A 164 -0.66 -15.64 -29.52
C LYS A 164 -1.89 -16.36 -29.02
N TYR A 165 -2.09 -17.58 -29.51
CA TYR A 165 -3.28 -18.34 -29.17
C TYR A 165 -2.95 -19.81 -28.95
N GLY A 166 -3.76 -20.44 -28.11
CA GLY A 166 -3.64 -21.90 -27.98
C GLY A 166 -2.71 -22.50 -26.95
N ARG A 167 -2.10 -21.66 -26.11
CA ARG A 167 -1.19 -22.22 -25.11
C ARG A 167 -0.91 -21.09 -24.11
N PRO A 168 -0.45 -21.46 -22.92
CA PRO A 168 -0.08 -20.47 -21.92
C PRO A 168 1.07 -19.64 -22.58
N LEU A 169 1.19 -18.40 -22.11
CA LEU A 169 2.33 -17.57 -22.54
C LEU A 169 3.51 -17.95 -21.63
N LEU A 170 4.75 -17.70 -22.07
CA LEU A 170 5.92 -18.09 -21.28
C LEU A 170 6.79 -16.86 -21.04
N GLY A 171 7.18 -16.69 -19.78
CA GLY A 171 8.00 -15.55 -19.38
C GLY A 171 9.19 -15.98 -18.54
N CYS A 172 9.88 -15.00 -17.94
CA CYS A 172 11.13 -15.30 -17.23
C CYS A 172 11.65 -14.03 -16.60
N THR A 173 11.95 -14.09 -15.32
CA THR A 173 12.53 -12.89 -14.66
C THR A 173 14.04 -13.01 -14.79
N ILE A 174 14.68 -11.93 -15.24
CA ILE A 174 16.14 -11.94 -15.31
C ILE A 174 16.77 -12.04 -13.88
N LYS A 175 17.91 -12.74 -13.77
CA LYS A 175 18.61 -12.91 -12.49
C LYS A 175 20.11 -12.75 -12.75
N PRO A 176 20.90 -12.41 -11.73
CA PRO A 176 20.56 -12.16 -10.31
C PRO A 176 19.51 -11.02 -10.20
N LYS A 177 18.77 -11.01 -9.08
CA LYS A 177 17.69 -10.01 -8.98
C LYS A 177 18.23 -8.60 -9.18
N LEU A 178 19.28 -8.28 -8.44
CA LEU A 178 19.88 -6.95 -8.56
C LEU A 178 21.36 -7.15 -8.85
N GLY A 179 21.98 -6.10 -9.36
CA GLY A 179 23.42 -6.18 -9.57
C GLY A 179 23.86 -6.26 -11.00
N LEU A 180 22.95 -6.51 -11.94
CA LEU A 180 23.41 -6.58 -13.34
C LEU A 180 23.36 -5.20 -13.99
N SER A 181 24.28 -4.95 -14.90
CA SER A 181 24.28 -3.68 -15.66
C SER A 181 23.21 -3.67 -16.70
N ALA A 182 22.90 -2.49 -17.23
CA ALA A 182 21.90 -2.39 -18.28
C ALA A 182 22.25 -3.24 -19.52
N LYS A 183 23.51 -3.18 -19.94
CA LYS A 183 23.89 -3.93 -21.13
C LYS A 183 23.78 -5.41 -20.86
N ASN A 184 24.15 -5.84 -19.65
CA ASN A 184 24.04 -7.31 -19.38
C ASN A 184 22.57 -7.70 -19.26
N TYR A 185 21.71 -6.79 -18.79
CA TYR A 185 20.28 -7.08 -18.72
C TYR A 185 19.73 -7.36 -20.11
N GLY A 186 20.11 -6.50 -21.07
CA GLY A 186 19.63 -6.65 -22.45
C GLY A 186 20.21 -7.95 -23.06
N ARG A 187 21.44 -8.30 -22.71
CA ARG A 187 22.04 -9.53 -23.25
C ARG A 187 21.23 -10.72 -22.74
N ALA A 188 20.95 -10.72 -21.44
CA ALA A 188 20.20 -11.84 -20.86
C ALA A 188 18.81 -11.94 -21.50
N CYS A 189 18.17 -10.78 -21.67
CA CYS A 189 16.85 -10.71 -22.29
C CYS A 189 16.89 -11.29 -23.72
N TYR A 190 17.83 -10.82 -24.56
CA TYR A 190 17.90 -11.32 -25.94
C TYR A 190 18.08 -12.81 -25.99
N GLU A 191 18.98 -13.32 -25.16
CA GLU A 191 19.23 -14.78 -25.22
C GLU A 191 17.99 -15.59 -24.80
N CYS A 192 17.27 -15.10 -23.77
CA CYS A 192 16.07 -15.81 -23.35
C CYS A 192 14.97 -15.76 -24.43
N LEU A 193 14.71 -14.57 -24.97
CA LEU A 193 13.60 -14.46 -25.91
C LEU A 193 13.90 -15.23 -27.19
N ARG A 194 15.18 -15.24 -27.60
CA ARG A 194 15.42 -15.91 -28.87
C ARG A 194 15.27 -17.43 -28.78
N GLY A 195 15.31 -17.97 -27.57
CA GLY A 195 15.16 -19.42 -27.40
C GLY A 195 13.71 -19.88 -27.37
N GLY A 196 12.75 -18.96 -27.37
CA GLY A 196 11.37 -19.40 -27.38
C GLY A 196 10.43 -18.83 -26.35
N LEU A 197 10.94 -18.02 -25.42
CA LEU A 197 10.01 -17.41 -24.47
C LEU A 197 9.31 -16.23 -25.16
N ASP A 198 8.07 -15.95 -24.74
CA ASP A 198 7.33 -14.79 -25.29
C ASP A 198 7.79 -13.50 -24.61
N PHE A 199 8.14 -13.65 -23.33
CA PHE A 199 8.51 -12.50 -22.49
C PHE A 199 9.68 -12.75 -21.55
N THR A 200 10.36 -11.66 -21.20
CA THR A 200 11.24 -11.67 -20.05
C THR A 200 10.75 -10.45 -19.23
N KCX A 201 11.31 -10.27 -18.04
CA KCX A 201 10.88 -9.10 -17.25
CB KCX A 201 9.64 -9.45 -16.42
CG KCX A 201 9.90 -10.64 -15.43
CD KCX A 201 8.64 -11.05 -14.63
CE KCX A 201 8.10 -10.01 -13.61
NZ KCX A 201 9.04 -9.76 -12.51
C KCX A 201 11.94 -8.60 -16.29
O KCX A 201 12.85 -9.34 -15.89
CX KCX A 201 9.21 -10.53 -11.42
OQ1 KCX A 201 8.40 -11.49 -11.19
OQ2 KCX A 201 10.14 -10.29 -10.61
N ASP A 202 11.81 -7.32 -15.93
CA ASP A 202 12.60 -6.75 -14.87
C ASP A 202 12.14 -7.46 -13.56
N ASP A 203 13.08 -7.72 -12.63
CA ASP A 203 12.61 -8.24 -11.34
C ASP A 203 11.77 -7.13 -10.69
N GLU A 204 10.94 -7.50 -9.74
CA GLU A 204 10.05 -6.52 -9.14
C GLU A 204 10.83 -5.38 -8.53
N ASN A 205 12.02 -5.66 -7.97
CA ASN A 205 12.83 -4.62 -7.33
C ASN A 205 13.82 -3.88 -8.23
N VAL A 206 13.85 -4.26 -9.51
CA VAL A 206 14.66 -3.54 -10.50
C VAL A 206 13.86 -2.33 -10.96
N ASN A 207 14.31 -1.15 -10.49
CA ASN A 207 13.59 0.11 -10.81
C ASN A 207 14.69 0.98 -11.43
N SER A 208 15.37 1.81 -10.66
CA SER A 208 16.55 2.56 -11.16
C SER A 208 17.50 2.63 -9.96
N GLN A 209 18.75 2.22 -10.16
CA GLN A 209 19.70 2.08 -9.06
C GLN A 209 21.13 2.38 -9.53
N PRO A 210 22.05 2.52 -8.57
CA PRO A 210 23.44 2.81 -9.00
C PRO A 210 24.03 1.79 -9.99
N PHE A 211 23.72 0.50 -9.82
CA PHE A 211 24.30 -0.51 -10.74
C PHE A 211 23.64 -0.54 -12.13
N MET A 212 22.49 0.12 -12.28
CA MET A 212 21.76 0.08 -13.54
C MET A 212 20.63 1.13 -13.45
N ARG A 213 20.73 2.19 -14.26
CA ARG A 213 19.71 3.24 -14.27
C ARG A 213 18.65 2.83 -15.28
N TRP A 214 17.41 3.25 -15.01
CA TRP A 214 16.34 2.72 -15.82
C TRP A 214 16.38 3.04 -17.28
N ARG A 215 16.79 4.26 -17.64
CA ARG A 215 16.66 4.58 -19.05
C ARG A 215 17.65 3.81 -19.89
N ASP A 216 18.80 3.54 -19.29
CA ASP A 216 19.80 2.70 -20.01
C ASP A 216 19.22 1.28 -20.20
N ARG A 217 18.59 0.73 -19.16
CA ARG A 217 18.00 -0.59 -19.26
C ARG A 217 16.91 -0.61 -20.35
N PHE A 218 16.06 0.44 -20.40
CA PHE A 218 14.99 0.48 -21.35
C PHE A 218 15.56 0.47 -22.80
N VAL A 219 16.61 1.24 -23.05
CA VAL A 219 17.26 1.27 -24.37
C VAL A 219 17.81 -0.15 -24.75
N PHE A 220 18.59 -0.77 -23.86
CA PHE A 220 19.16 -2.06 -24.26
C PHE A 220 18.11 -3.16 -24.32
N CYS A 221 17.10 -3.13 -23.46
CA CYS A 221 16.09 -4.16 -23.56
C CYS A 221 15.25 -3.96 -24.77
N ALA A 222 14.97 -2.74 -25.20
CA ALA A 222 14.22 -2.58 -26.45
C ALA A 222 15.07 -3.19 -27.58
N GLU A 223 16.38 -2.88 -27.63
CA GLU A 223 17.24 -3.43 -28.68
C GLU A 223 17.10 -4.98 -28.67
N ALA A 224 17.14 -5.57 -27.47
CA ALA A 224 16.99 -7.04 -27.31
C ALA A 224 15.64 -7.59 -27.75
N ILE A 225 14.56 -6.92 -27.40
CA ILE A 225 13.23 -7.34 -27.83
C ILE A 225 13.18 -7.36 -29.35
N TYR A 226 13.68 -6.30 -30.00
CA TYR A 226 13.52 -6.23 -31.43
C TYR A 226 14.46 -7.18 -32.15
N LYS A 227 15.62 -7.43 -31.57
CA LYS A 227 16.57 -8.38 -32.20
C LYS A 227 16.01 -9.82 -32.13
N SER A 228 15.49 -10.20 -30.98
CA SER A 228 14.92 -11.55 -30.86
C SER A 228 13.67 -11.71 -31.67
N GLN A 229 12.81 -10.68 -31.76
CA GLN A 229 11.63 -10.75 -32.58
C GLN A 229 12.05 -10.92 -34.08
N ALA A 230 13.05 -10.16 -34.51
CA ALA A 230 13.47 -10.28 -35.92
C ALA A 230 14.03 -11.67 -36.17
N GLU A 231 14.77 -12.23 -35.22
CA GLU A 231 15.37 -13.54 -35.45
C GLU A 231 14.37 -14.70 -35.45
N THR A 232 13.40 -14.66 -34.56
CA THR A 232 12.44 -15.72 -34.45
C THR A 232 11.18 -15.59 -35.28
N GLY A 233 10.84 -14.35 -35.61
CA GLY A 233 9.59 -14.07 -36.33
C GLY A 233 8.36 -14.08 -35.41
N GLU A 234 8.52 -14.23 -34.09
CA GLU A 234 7.37 -14.19 -33.14
C GLU A 234 7.41 -12.85 -32.36
N ILE A 235 6.22 -12.29 -32.05
CA ILE A 235 6.21 -11.02 -31.29
C ILE A 235 6.79 -11.28 -29.88
N LYS A 236 7.70 -10.37 -29.45
CA LYS A 236 8.35 -10.53 -28.14
C LYS A 236 8.09 -9.29 -27.25
N GLY A 237 8.26 -9.49 -25.94
CA GLY A 237 8.18 -8.34 -25.02
C GLY A 237 9.12 -8.54 -23.83
N HIS A 238 9.47 -7.46 -23.14
CA HIS A 238 10.23 -7.56 -21.87
C HIS A 238 9.51 -6.58 -20.97
N TYR A 239 8.93 -7.04 -19.86
CA TYR A 239 8.18 -6.08 -19.07
C TYR A 239 9.14 -5.06 -18.43
N LEU A 240 9.06 -3.83 -18.88
CA LEU A 240 9.91 -2.75 -18.31
C LEU A 240 9.18 -2.16 -17.10
N ASN A 241 9.89 -2.11 -15.98
CA ASN A 241 9.27 -1.70 -14.74
C ASN A 241 9.12 -0.20 -14.60
N ALA A 242 7.88 0.25 -14.42
CA ALA A 242 7.62 1.68 -14.23
C ALA A 242 7.53 2.01 -12.74
N THR A 243 7.67 1.01 -11.87
CA THR A 243 7.54 1.26 -10.42
C THR A 243 8.56 2.31 -10.02
N ALA A 244 8.14 3.31 -9.27
CA ALA A 244 9.10 4.38 -8.94
C ALA A 244 8.71 5.04 -7.59
N GLY A 245 9.54 5.98 -7.17
CA GLY A 245 9.33 6.62 -5.86
C GLY A 245 8.22 7.69 -5.89
N THR A 246 7.96 8.25 -7.08
CA THR A 246 6.96 9.28 -7.23
C THR A 246 6.17 9.01 -8.49
N CYS A 247 4.98 9.60 -8.55
CA CYS A 247 4.12 9.42 -9.73
C CYS A 247 4.72 10.03 -10.96
N GLU A 248 5.42 11.13 -10.80
CA GLU A 248 6.02 11.78 -11.97
C GLU A 248 7.09 10.89 -12.55
N GLU A 249 7.89 10.22 -11.71
CA GLU A 249 8.92 9.29 -12.23
C GLU A 249 8.26 8.08 -12.87
N MET A 250 7.17 7.58 -12.26
CA MET A 250 6.48 6.39 -12.84
C MET A 250 6.01 6.70 -14.27
N ILE A 251 5.34 7.83 -14.42
CA ILE A 251 4.81 8.21 -15.73
C ILE A 251 5.96 8.50 -16.70
N LYS A 252 7.03 9.12 -16.27
CA LYS A 252 8.18 9.38 -17.12
C LYS A 252 8.69 8.04 -17.73
N ARG A 253 8.72 7.00 -16.88
CA ARG A 253 9.23 5.70 -17.37
C ARG A 253 8.26 5.09 -18.37
N ALA A 254 6.97 5.14 -18.05
CA ALA A 254 5.99 4.64 -19.01
C ALA A 254 6.02 5.41 -20.37
N VAL A 255 6.22 6.73 -20.31
CA VAL A 255 6.28 7.54 -21.52
C VAL A 255 7.46 7.10 -22.38
N PHE A 256 8.60 6.77 -21.77
CA PHE A 256 9.73 6.36 -22.61
C PHE A 256 9.47 4.96 -23.19
N ALA A 257 8.81 4.07 -22.43
CA ALA A 257 8.51 2.77 -23.05
C ALA A 257 7.57 3.01 -24.23
N ARG A 258 6.63 3.96 -24.10
CA ARG A 258 5.70 4.28 -25.24
C ARG A 258 6.52 4.78 -26.43
N GLU A 259 7.48 5.67 -26.19
CA GLU A 259 8.32 6.18 -27.27
C GLU A 259 9.08 5.06 -27.99
N LEU A 260 9.56 4.09 -27.20
CA LEU A 260 10.32 2.98 -27.79
C LEU A 260 9.41 2.01 -28.57
N GLY A 261 8.10 2.12 -28.39
CA GLY A 261 7.15 1.28 -29.13
C GLY A 261 6.97 -0.13 -28.59
N VAL A 262 7.47 -0.39 -27.37
CA VAL A 262 7.41 -1.78 -26.85
C VAL A 262 6.00 -2.14 -26.45
N PRO A 263 5.71 -3.44 -26.31
CA PRO A 263 4.32 -3.82 -25.99
C PRO A 263 3.84 -3.87 -24.57
N ILE A 264 4.77 -3.93 -23.60
CA ILE A 264 4.35 -4.18 -22.24
C ILE A 264 5.30 -3.60 -21.21
N VAL A 265 4.67 -3.07 -20.18
CA VAL A 265 5.39 -2.55 -18.98
C VAL A 265 4.84 -3.26 -17.75
N MET A 266 5.52 -3.03 -16.61
CA MET A 266 5.02 -3.66 -15.37
C MET A 266 4.95 -2.64 -14.23
N HIS A 267 4.23 -3.01 -13.19
CA HIS A 267 4.12 -2.18 -12.00
C HIS A 267 3.86 -3.05 -10.78
N ASP A 268 4.44 -2.62 -9.65
CA ASP A 268 4.27 -3.34 -8.37
C ASP A 268 3.12 -2.59 -7.69
N TYR A 269 1.88 -3.10 -7.86
CA TYR A 269 0.77 -2.28 -7.45
C TYR A 269 0.62 -2.03 -5.97
N LEU A 270 1.13 -2.93 -5.14
CA LEU A 270 0.95 -2.70 -3.70
C LEU A 270 2.05 -1.85 -3.11
N THR A 271 3.28 -2.00 -3.59
CA THR A 271 4.36 -1.17 -3.04
C THR A 271 4.32 0.22 -3.68
N GLY A 272 3.92 0.33 -4.94
CA GLY A 272 3.72 1.66 -5.51
C GLY A 272 2.42 2.25 -4.97
N GLY A 273 1.38 1.40 -4.90
CA GLY A 273 0.10 1.79 -4.32
C GLY A 273 -1.01 1.98 -5.32
N PHE A 274 -2.24 1.88 -4.81
CA PHE A 274 -3.38 1.94 -5.70
C PHE A 274 -3.61 3.25 -6.40
N THR A 275 -3.31 4.38 -5.74
CA THR A 275 -3.51 5.66 -6.44
C THR A 275 -2.60 5.73 -7.65
N ALA A 276 -1.33 5.38 -7.48
CA ALA A 276 -0.40 5.35 -8.63
C ALA A 276 -0.79 4.27 -9.65
N ASN A 277 -1.16 3.09 -9.15
CA ASN A 277 -1.50 2.03 -10.08
C ASN A 277 -2.68 2.41 -10.97
N THR A 278 -3.70 2.99 -10.38
CA THR A 278 -4.89 3.35 -11.17
C THR A 278 -4.49 4.38 -12.22
N SER A 279 -3.67 5.39 -11.86
CA SER A 279 -3.17 6.33 -12.86
C SER A 279 -2.41 5.61 -14.00
N LEU A 280 -1.58 4.66 -13.61
CA LEU A 280 -0.79 3.97 -14.67
C LEU A 280 -1.71 3.13 -15.54
N ALA A 281 -2.71 2.49 -14.95
CA ALA A 281 -3.61 1.71 -15.81
C ALA A 281 -4.32 2.63 -16.83
N HIS A 282 -4.70 3.83 -16.42
CA HIS A 282 -5.34 4.74 -17.39
C HIS A 282 -4.33 5.14 -18.50
N TYR A 283 -3.10 5.43 -18.11
CA TYR A 283 -2.09 5.79 -19.09
C TYR A 283 -1.88 4.64 -20.08
N CYS A 284 -1.81 3.43 -19.56
CA CYS A 284 -1.57 2.25 -20.44
C CYS A 284 -2.75 2.04 -21.40
N ARG A 285 -3.98 2.21 -20.93
CA ARG A 285 -5.16 2.11 -21.81
C ARG A 285 -5.03 3.19 -22.87
N ASP A 286 -4.65 4.42 -22.49
CA ASP A 286 -4.61 5.48 -23.50
C ASP A 286 -3.45 5.44 -24.44
N ASN A 287 -2.49 4.54 -24.19
CA ASN A 287 -1.29 4.46 -25.01
C ASN A 287 -0.97 3.07 -25.56
N GLY A 288 -1.92 2.17 -25.44
CA GLY A 288 -1.71 0.85 -26.02
C GLY A 288 -0.73 -0.07 -25.38
N LEU A 289 -0.37 0.21 -24.14
CA LEU A 289 0.62 -0.63 -23.43
C LEU A 289 -0.02 -1.69 -22.54
N LEU A 290 0.41 -2.96 -22.70
CA LEU A 290 -0.07 -3.98 -21.80
C LEU A 290 0.60 -3.72 -20.43
N LEU A 291 -0.13 -4.05 -19.37
CA LEU A 291 0.35 -3.78 -18.03
C LEU A 291 0.44 -5.04 -17.18
N HIS A 292 1.66 -5.49 -16.94
CA HIS A 292 1.88 -6.67 -16.06
C HIS A 292 1.95 -6.23 -14.59
N ILE A 293 1.16 -6.86 -13.72
CA ILE A 293 1.17 -6.43 -12.33
C ILE A 293 1.86 -7.48 -11.44
N HIS A 294 2.84 -6.96 -10.67
CA HIS A 294 3.55 -7.80 -9.71
C HIS A 294 2.94 -7.49 -8.33
N ARG A 295 2.67 -8.53 -7.54
CA ARG A 295 2.03 -8.37 -6.25
C ARG A 295 2.97 -8.29 -5.03
N ALA A 296 4.19 -7.80 -5.29
CA ALA A 296 5.16 -7.61 -4.18
C ALA A 296 4.49 -7.01 -2.95
N MET A 297 4.83 -7.62 -1.81
CA MET A 297 4.38 -7.34 -0.47
C MET A 297 3.04 -7.98 -0.09
N HIS A 298 2.36 -8.61 -1.04
CA HIS A 298 1.04 -9.17 -0.70
C HIS A 298 1.11 -10.14 0.48
N ALA A 299 2.17 -10.96 0.55
CA ALA A 299 2.22 -11.97 1.64
C ALA A 299 2.44 -11.37 3.02
N VAL A 300 2.87 -10.09 3.07
CA VAL A 300 2.91 -9.41 4.39
C VAL A 300 1.50 -9.32 4.98
N ILE A 301 0.54 -9.18 4.06
CA ILE A 301 -0.86 -8.99 4.38
C ILE A 301 -1.70 -10.28 4.35
N ASP A 302 -1.35 -11.16 3.44
CA ASP A 302 -2.29 -12.26 3.15
C ASP A 302 -1.89 -13.66 3.50
N ARG A 303 -0.81 -13.79 4.25
CA ARG A 303 -0.36 -15.16 4.48
C ARG A 303 -1.11 -15.85 5.62
N GLN A 304 -1.40 -15.11 6.69
CA GLN A 304 -1.94 -15.81 7.86
C GLN A 304 -3.45 -15.89 7.90
N LYS A 305 -3.99 -17.06 8.31
CA LYS A 305 -5.45 -17.23 8.36
C LYS A 305 -6.16 -16.37 9.39
N ASN A 306 -5.49 -16.05 10.51
CA ASN A 306 -6.17 -15.32 11.57
C ASN A 306 -6.27 -13.82 11.42
N HIS A 307 -5.37 -13.25 10.61
CA HIS A 307 -5.33 -11.76 10.54
C HIS A 307 -4.76 -11.30 9.19
N GLY A 308 -5.39 -10.22 8.70
CA GLY A 308 -4.90 -9.64 7.45
C GLY A 308 -6.01 -9.55 6.42
N MET A 309 -5.66 -9.78 5.15
CA MET A 309 -6.64 -9.75 4.07
C MET A 309 -6.27 -10.89 3.15
N HIS A 310 -7.24 -11.73 2.75
CA HIS A 310 -6.91 -12.81 1.84
C HIS A 310 -6.54 -12.26 0.47
N PHE A 311 -5.69 -12.97 -0.23
CA PHE A 311 -5.26 -12.49 -1.53
C PHE A 311 -6.45 -12.33 -2.46
N ARG A 312 -7.50 -13.14 -2.29
CA ARG A 312 -8.60 -12.94 -3.27
C ARG A 312 -9.16 -11.51 -3.25
N VAL A 313 -9.10 -10.83 -2.09
CA VAL A 313 -9.59 -9.44 -2.04
C VAL A 313 -8.59 -8.54 -2.81
N LEU A 314 -7.31 -8.77 -2.61
CA LEU A 314 -6.27 -7.99 -3.31
C LEU A 314 -6.35 -8.25 -4.82
N ALA A 315 -6.77 -9.47 -5.19
CA ALA A 315 -6.90 -9.82 -6.60
C ALA A 315 -8.10 -9.08 -7.23
N LYS A 316 -9.25 -9.08 -6.54
CA LYS A 316 -10.40 -8.32 -7.05
C LYS A 316 -10.05 -6.80 -7.15
N ALA A 317 -9.31 -6.30 -6.16
CA ALA A 317 -8.94 -4.89 -6.15
C ALA A 317 -8.04 -4.57 -7.32
N LEU A 318 -7.19 -5.49 -7.72
CA LEU A 318 -6.33 -5.18 -8.86
C LEU A 318 -7.17 -5.26 -10.16
N ARG A 319 -8.11 -6.20 -10.28
CA ARG A 319 -8.90 -6.23 -11.50
C ARG A 319 -9.68 -4.89 -11.64
N MET A 320 -10.11 -4.31 -10.52
CA MET A 320 -10.80 -3.01 -10.52
C MET A 320 -9.83 -1.83 -10.85
N SER A 321 -8.72 -1.74 -10.12
CA SER A 321 -7.76 -0.63 -10.32
C SER A 321 -7.18 -0.69 -11.74
N GLY A 322 -6.79 -1.89 -12.13
CA GLY A 322 -6.42 -2.19 -13.48
C GLY A 322 -5.06 -2.87 -13.69
N GLY A 323 -5.07 -3.98 -14.42
CA GLY A 323 -3.83 -4.64 -14.81
C GLY A 323 -4.22 -5.68 -15.88
N ASP A 324 -3.31 -5.99 -16.80
CA ASP A 324 -3.58 -7.01 -17.80
C ASP A 324 -3.14 -8.40 -17.35
N HIS A 325 -2.12 -8.45 -16.48
CA HIS A 325 -1.66 -9.70 -15.89
C HIS A 325 -1.55 -9.44 -14.39
N ILE A 326 -1.67 -10.50 -13.56
CA ILE A 326 -1.32 -10.37 -12.15
C ILE A 326 -0.76 -11.75 -11.70
N HIS A 327 0.31 -11.74 -10.89
CA HIS A 327 0.78 -13.03 -10.36
C HIS A 327 -0.31 -13.62 -9.45
N ALA A 328 -0.45 -14.95 -9.54
CA ALA A 328 -1.48 -15.64 -8.77
C ALA A 328 -0.93 -16.93 -8.11
N GLY A 329 0.37 -17.10 -8.11
CA GLY A 329 0.95 -18.30 -7.46
C GLY A 329 1.17 -19.43 -8.45
N THR A 330 1.85 -20.46 -7.96
CA THR A 330 2.16 -21.63 -8.78
C THR A 330 1.59 -22.93 -8.23
N VAL A 331 1.27 -22.93 -6.93
CA VAL A 331 0.85 -24.11 -6.14
C VAL A 331 2.05 -25.02 -5.88
N VAL A 332 2.75 -25.39 -6.93
CA VAL A 332 3.90 -26.33 -6.84
C VAL A 332 5.31 -25.78 -6.67
N GLY A 333 5.46 -24.45 -6.75
CA GLY A 333 6.76 -23.80 -6.63
C GLY A 333 7.22 -23.43 -5.23
N LYS A 334 8.11 -22.43 -5.19
CA LYS A 334 8.73 -22.05 -3.93
C LYS A 334 7.91 -21.20 -2.96
N LEU A 335 6.82 -20.59 -3.41
CA LEU A 335 5.97 -19.73 -2.59
C LEU A 335 4.64 -20.46 -2.37
N GLU A 336 4.00 -20.19 -1.23
CA GLU A 336 2.79 -20.90 -0.86
C GLU A 336 1.63 -20.57 -1.77
N GLY A 337 0.78 -21.56 -2.03
CA GLY A 337 -0.42 -21.28 -2.79
C GLY A 337 -1.28 -22.51 -2.75
N GLU A 338 -2.19 -22.60 -1.81
CA GLU A 338 -3.04 -23.81 -1.68
C GLU A 338 -3.88 -23.97 -2.95
N ARG A 339 -3.93 -25.21 -3.46
CA ARG A 339 -4.61 -25.44 -4.73
C ARG A 339 -6.07 -24.96 -4.87
N GLU A 340 -6.97 -25.36 -3.95
CA GLU A 340 -8.36 -24.99 -4.14
C GLU A 340 -8.60 -23.51 -4.01
N MET A 341 -7.92 -22.86 -3.05
CA MET A 341 -8.19 -21.42 -2.93
C MET A 341 -7.60 -20.67 -4.12
N THR A 342 -6.49 -21.21 -4.68
CA THR A 342 -5.91 -20.59 -5.88
C THR A 342 -6.83 -20.71 -7.09
N LEU A 343 -7.42 -21.89 -7.30
CA LEU A 343 -8.34 -22.00 -8.41
C LEU A 343 -9.51 -21.01 -8.22
N GLY A 344 -9.93 -20.81 -6.96
CA GLY A 344 -11.05 -19.90 -6.72
C GLY A 344 -10.67 -18.46 -7.15
N PHE A 345 -9.52 -17.97 -6.72
CA PHE A 345 -9.24 -16.55 -7.14
C PHE A 345 -8.78 -16.43 -8.59
N VAL A 346 -8.22 -17.51 -9.17
CA VAL A 346 -7.96 -17.48 -10.60
C VAL A 346 -9.29 -17.25 -11.34
N ASP A 347 -10.36 -17.93 -10.92
CA ASP A 347 -11.61 -17.66 -11.60
C ASP A 347 -12.11 -16.25 -11.29
N LEU A 348 -11.93 -15.77 -10.07
CA LEU A 348 -12.34 -14.39 -9.80
C LEU A 348 -11.59 -13.38 -10.71
N LEU A 349 -10.37 -13.72 -11.12
CA LEU A 349 -9.58 -12.80 -11.98
C LEU A 349 -9.95 -12.87 -13.44
N ARG A 350 -10.34 -14.06 -13.89
CA ARG A 350 -10.61 -14.26 -15.32
C ARG A 350 -12.03 -14.28 -15.78
N ASP A 351 -12.90 -14.82 -14.94
CA ASP A 351 -14.27 -15.06 -15.38
C ASP A 351 -15.23 -13.88 -15.26
N ASP A 352 -16.39 -14.00 -15.91
CA ASP A 352 -17.35 -12.92 -15.81
C ASP A 352 -18.27 -13.08 -14.62
N PHE A 353 -18.54 -14.31 -14.23
CA PHE A 353 -19.52 -14.59 -13.18
C PHE A 353 -18.98 -15.77 -12.41
N ILE A 354 -18.79 -15.61 -11.10
CA ILE A 354 -18.23 -16.67 -10.26
C ILE A 354 -19.21 -16.89 -9.13
N GLU A 355 -19.87 -18.03 -9.12
CA GLU A 355 -20.81 -18.31 -8.04
C GLU A 355 -20.11 -18.63 -6.73
N LYS A 356 -20.80 -18.28 -5.64
CA LYS A 356 -20.35 -18.58 -4.28
C LYS A 356 -19.96 -20.07 -4.22
N ASP A 357 -18.85 -20.35 -3.55
CA ASP A 357 -18.35 -21.74 -3.48
C ASP A 357 -17.38 -21.74 -2.32
N ARG A 358 -17.86 -22.02 -1.12
CA ARG A 358 -16.96 -22.03 0.03
C ARG A 358 -15.86 -23.09 -0.02
N ALA A 359 -15.98 -24.13 -0.86
CA ALA A 359 -14.93 -25.12 -0.99
C ALA A 359 -13.71 -24.51 -1.71
N ARG A 360 -13.89 -23.36 -2.35
CA ARG A 360 -12.79 -22.66 -3.00
C ARG A 360 -12.62 -21.28 -2.40
N GLY A 361 -13.14 -21.09 -1.19
CA GLY A 361 -13.06 -19.82 -0.49
C GLY A 361 -13.82 -18.64 -1.11
N ILE A 362 -14.77 -18.90 -1.98
CA ILE A 362 -15.56 -17.83 -2.61
C ILE A 362 -16.78 -17.63 -1.69
N PHE A 363 -16.78 -16.58 -0.87
CA PHE A 363 -17.87 -16.35 0.10
C PHE A 363 -19.13 -15.73 -0.53
N PHE A 364 -18.92 -15.01 -1.64
CA PHE A 364 -19.99 -14.29 -2.34
C PHE A 364 -19.95 -14.55 -3.83
N THR A 365 -21.14 -14.54 -4.42
CA THR A 365 -21.25 -14.63 -5.86
C THR A 365 -20.75 -13.27 -6.38
N GLN A 366 -19.85 -13.34 -7.37
CA GLN A 366 -19.25 -12.13 -7.95
C GLN A 366 -19.57 -12.01 -9.40
N ASP A 367 -20.23 -10.90 -9.78
CA ASP A 367 -20.64 -10.66 -11.19
C ASP A 367 -19.84 -9.47 -11.70
N TRP A 368 -18.97 -9.69 -12.69
CA TRP A 368 -18.14 -8.61 -13.20
C TRP A 368 -18.74 -7.76 -14.34
N VAL A 369 -19.96 -8.08 -14.75
CA VAL A 369 -20.61 -7.37 -15.87
C VAL A 369 -19.68 -6.93 -17.04
N SER A 370 -18.94 -7.91 -17.55
CA SER A 370 -18.07 -7.73 -18.73
C SER A 370 -16.79 -6.96 -18.55
N MET A 371 -16.43 -6.69 -17.30
CA MET A 371 -15.11 -6.11 -17.04
C MET A 371 -14.13 -7.17 -17.66
N PRO A 372 -13.07 -6.72 -18.35
CA PRO A 372 -12.16 -7.72 -18.92
C PRO A 372 -11.48 -8.57 -17.86
N GLY A 373 -11.13 -9.77 -18.26
CA GLY A 373 -10.37 -10.62 -17.37
C GLY A 373 -8.87 -10.28 -17.36
N VAL A 374 -8.19 -10.71 -16.28
CA VAL A 374 -6.78 -10.50 -16.06
C VAL A 374 -6.09 -11.87 -16.24
N ILE A 375 -4.94 -11.90 -16.91
CA ILE A 375 -4.23 -13.19 -17.08
C ILE A 375 -3.42 -13.49 -15.82
N PRO A 376 -3.70 -14.63 -15.15
CA PRO A 376 -2.93 -15.00 -13.96
C PRO A 376 -1.55 -15.47 -14.40
N VAL A 377 -0.54 -15.14 -13.56
CA VAL A 377 0.82 -15.48 -13.84
C VAL A 377 1.39 -16.39 -12.75
N ALA A 378 1.87 -17.57 -13.18
CA ALA A 378 2.47 -18.55 -12.25
C ALA A 378 3.97 -18.38 -12.36
N SER A 379 4.58 -18.09 -11.20
CA SER A 379 5.99 -17.80 -11.20
C SER A 379 6.60 -18.09 -9.84
N GLY A 380 7.83 -18.59 -9.82
CA GLY A 380 8.53 -18.73 -8.54
C GLY A 380 8.92 -20.16 -8.22
N GLY A 381 10.19 -20.50 -8.52
CA GLY A 381 10.64 -21.86 -8.17
C GLY A 381 10.05 -22.94 -9.03
N ILE A 382 9.63 -22.63 -10.25
CA ILE A 382 9.13 -23.70 -11.12
C ILE A 382 10.11 -24.10 -12.20
N HIS A 383 9.96 -25.32 -12.67
CA HIS A 383 10.89 -25.82 -13.71
C HIS A 383 10.17 -26.78 -14.66
N VAL A 384 10.92 -27.33 -15.63
CA VAL A 384 10.28 -28.14 -16.68
C VAL A 384 9.38 -29.28 -16.15
N TRP A 385 9.77 -29.93 -15.06
CA TRP A 385 8.95 -31.06 -14.58
C TRP A 385 7.59 -30.60 -14.09
N HIS A 386 7.47 -29.31 -13.74
CA HIS A 386 6.17 -28.77 -13.32
C HIS A 386 5.26 -28.43 -14.48
N MET A 387 5.77 -28.42 -15.70
CA MET A 387 4.94 -27.95 -16.83
C MET A 387 3.55 -28.64 -16.96
N PRO A 388 3.48 -29.98 -16.80
CA PRO A 388 2.15 -30.61 -16.92
C PRO A 388 1.19 -30.12 -15.84
N ALA A 389 1.66 -30.06 -14.59
CA ALA A 389 0.78 -29.64 -13.51
C ALA A 389 0.34 -28.18 -13.72
N LEU A 390 1.26 -27.31 -14.15
CA LEU A 390 0.89 -25.90 -14.33
C LEU A 390 -0.12 -25.78 -15.44
N THR A 391 0.06 -26.54 -16.53
CA THR A 391 -0.86 -26.45 -17.66
C THR A 391 -2.21 -26.98 -17.24
N GLU A 392 -2.22 -28.01 -16.39
CA GLU A 392 -3.49 -28.56 -15.91
C GLU A 392 -4.23 -27.63 -14.92
N ILE A 393 -3.47 -26.98 -14.03
CA ILE A 393 -4.08 -26.11 -13.06
C ILE A 393 -4.62 -24.84 -13.70
N PHE A 394 -3.79 -24.20 -14.49
CA PHE A 394 -4.20 -22.89 -15.03
C PHE A 394 -4.81 -22.88 -16.38
N GLY A 395 -4.54 -23.89 -17.20
CA GLY A 395 -5.10 -23.82 -18.55
C GLY A 395 -4.33 -22.82 -19.42
N ASP A 396 -4.87 -22.59 -20.61
CA ASP A 396 -4.16 -21.72 -21.56
C ASP A 396 -4.05 -20.25 -21.19
N ASP A 397 -5.06 -19.74 -20.47
CA ASP A 397 -5.00 -18.30 -20.16
C ASP A 397 -4.18 -18.03 -18.92
N SER A 398 -2.87 -18.06 -19.12
CA SER A 398 -1.98 -17.88 -18.00
C SER A 398 -0.63 -17.52 -18.58
N VAL A 399 0.26 -16.96 -17.77
CA VAL A 399 1.66 -16.79 -18.20
C VAL A 399 2.47 -17.66 -17.19
N LEU A 400 3.36 -18.53 -17.69
CA LEU A 400 4.18 -19.35 -16.80
C LEU A 400 5.61 -18.80 -16.93
N GLN A 401 6.19 -18.36 -15.80
CA GLN A 401 7.48 -17.69 -15.80
C GLN A 401 8.53 -18.49 -15.13
N PHE A 402 9.66 -18.59 -15.82
CA PHE A 402 10.80 -19.38 -15.34
C PHE A 402 12.04 -18.52 -15.34
N GLY A 403 12.42 -17.97 -14.18
CA GLY A 403 13.62 -17.13 -14.09
C GLY A 403 14.82 -18.08 -13.87
N GLY A 404 14.96 -18.55 -12.63
CA GLY A 404 16.00 -19.57 -12.35
C GLY A 404 15.82 -20.76 -13.29
N GLY A 405 14.56 -21.07 -13.63
CA GLY A 405 14.28 -22.22 -14.52
C GLY A 405 14.73 -22.03 -15.97
N THR A 406 15.22 -20.83 -16.32
CA THR A 406 15.78 -20.55 -17.63
C THR A 406 17.28 -20.21 -17.50
N LEU A 407 17.61 -19.21 -16.67
CA LEU A 407 19.00 -18.76 -16.56
C LEU A 407 19.85 -19.77 -15.76
N GLY A 408 19.18 -20.76 -15.18
CA GLY A 408 19.87 -21.83 -14.45
C GLY A 408 20.08 -23.06 -15.34
N HIS A 409 19.66 -23.01 -16.59
CA HIS A 409 19.90 -24.18 -17.49
C HIS A 409 21.43 -24.31 -17.66
N PRO A 410 21.95 -25.56 -17.67
CA PRO A 410 23.40 -25.72 -17.81
C PRO A 410 24.03 -25.20 -19.06
N TRP A 411 23.23 -24.99 -20.11
CA TRP A 411 23.76 -24.51 -21.37
C TRP A 411 23.46 -23.04 -21.63
N GLY A 412 22.86 -22.39 -20.65
CA GLY A 412 22.61 -20.95 -20.88
C GLY A 412 21.17 -20.61 -21.19
N ASN A 413 20.96 -19.33 -21.50
CA ASN A 413 19.60 -18.84 -21.64
C ASN A 413 18.79 -19.29 -22.82
N ALA A 414 19.38 -19.30 -24.02
CA ALA A 414 18.58 -19.65 -25.19
C ALA A 414 18.21 -21.15 -25.06
N PRO A 415 19.17 -22.04 -24.69
CA PRO A 415 18.78 -23.46 -24.52
C PRO A 415 17.77 -23.59 -23.37
N GLY A 416 17.93 -22.80 -22.30
CA GLY A 416 16.95 -22.90 -21.20
C GLY A 416 15.54 -22.48 -21.67
N ALA A 417 15.46 -21.46 -22.50
CA ALA A 417 14.17 -21.01 -23.01
C ALA A 417 13.59 -22.10 -23.90
N ALA A 418 14.43 -22.69 -24.74
CA ALA A 418 13.96 -23.72 -25.68
C ALA A 418 13.43 -24.91 -24.89
N ALA A 419 14.12 -25.28 -23.80
CA ALA A 419 13.62 -26.39 -23.00
C ALA A 419 12.22 -26.10 -22.48
N ASN A 420 12.02 -24.88 -21.96
CA ASN A 420 10.69 -24.59 -21.44
C ASN A 420 9.64 -24.51 -22.54
N ARG A 421 9.99 -23.96 -23.69
CA ARG A 421 9.02 -23.84 -24.79
C ARG A 421 8.64 -25.23 -25.30
N VAL A 422 9.64 -26.09 -25.45
CA VAL A 422 9.36 -27.46 -25.89
C VAL A 422 8.51 -28.19 -24.86
N ALA A 423 8.87 -28.10 -23.57
CA ALA A 423 8.09 -28.76 -22.56
C ALA A 423 6.62 -28.30 -22.63
N LEU A 424 6.39 -26.99 -22.71
CA LEU A 424 5.05 -26.47 -22.75
C LEU A 424 4.30 -26.96 -24.01
N GLU A 425 4.93 -26.86 -25.19
CA GLU A 425 4.25 -27.31 -26.40
C GLU A 425 3.94 -28.81 -26.36
N ALA A 426 4.84 -29.60 -25.77
CA ALA A 426 4.56 -31.05 -25.67
C ALA A 426 3.34 -31.28 -24.77
N CYS A 427 3.22 -30.51 -23.67
CA CYS A 427 2.09 -30.65 -22.77
C CYS A 427 0.79 -30.25 -23.49
N VAL A 428 0.83 -29.16 -24.24
CA VAL A 428 -0.36 -28.70 -24.96
C VAL A 428 -0.76 -29.71 -26.01
N GLN A 429 0.22 -30.22 -26.78
CA GLN A 429 -0.13 -31.21 -27.81
C GLN A 429 -0.78 -32.46 -27.17
N ALA A 430 -0.17 -32.98 -26.10
CA ALA A 430 -0.71 -34.17 -25.39
C ALA A 430 -2.11 -33.96 -24.83
N ARG A 431 -2.30 -32.84 -24.16
CA ARG A 431 -3.60 -32.49 -23.66
C ARG A 431 -4.63 -32.44 -24.81
N ASN A 432 -4.29 -31.79 -25.91
CA ASN A 432 -5.25 -31.62 -27.00
C ASN A 432 -5.61 -32.98 -27.60
N GLU A 433 -4.66 -33.90 -27.58
CA GLU A 433 -4.94 -35.25 -28.10
C GLU A 433 -5.71 -36.13 -27.10
N GLY A 434 -5.98 -35.60 -25.90
CA GLY A 434 -6.73 -36.32 -24.90
C GLY A 434 -5.96 -37.00 -23.78
N ARG A 435 -4.67 -36.71 -23.63
CA ARG A 435 -3.88 -37.31 -22.55
C ARG A 435 -4.22 -36.61 -21.24
N ASP A 436 -4.06 -37.31 -20.12
CA ASP A 436 -4.37 -36.76 -18.82
C ASP A 436 -3.10 -36.11 -18.24
N LEU A 437 -3.02 -34.78 -18.24
CA LEU A 437 -1.80 -34.16 -17.75
C LEU A 437 -1.55 -34.44 -16.29
N ALA A 438 -2.62 -34.56 -15.52
CA ALA A 438 -2.49 -34.80 -14.09
C ALA A 438 -1.90 -36.17 -13.79
N ARG A 439 -1.97 -37.10 -14.75
CA ARG A 439 -1.49 -38.46 -14.48
C ARG A 439 -0.34 -38.94 -15.35
N GLU A 440 -0.18 -38.33 -16.51
CA GLU A 440 0.84 -38.74 -17.46
C GLU A 440 1.93 -37.69 -17.66
N GLY A 441 1.93 -36.64 -16.83
CA GLY A 441 2.90 -35.57 -17.03
C GLY A 441 4.35 -35.94 -17.12
N ASN A 442 4.82 -36.79 -16.21
CA ASN A 442 6.20 -37.16 -16.27
C ASN A 442 6.53 -37.88 -17.58
N GLU A 443 5.61 -38.73 -18.05
CA GLU A 443 5.85 -39.46 -19.30
C GLU A 443 5.83 -38.56 -20.54
N ILE A 444 4.97 -37.55 -20.52
CA ILE A 444 4.89 -36.62 -21.61
C ILE A 444 6.23 -35.82 -21.68
N ILE A 445 6.73 -35.34 -20.54
CA ILE A 445 8.02 -34.61 -20.48
C ILE A 445 9.18 -35.53 -20.93
N ARG A 446 9.20 -36.76 -20.43
CA ARG A 446 10.27 -37.69 -20.85
C ARG A 446 10.22 -37.94 -22.34
N SER A 447 9.03 -38.06 -22.90
CA SER A 447 8.93 -38.31 -24.34
C SER A 447 9.46 -37.15 -25.16
N ALA A 448 9.27 -35.93 -24.66
CA ALA A 448 9.79 -34.81 -25.40
C ALA A 448 11.31 -34.69 -25.29
N CYS A 449 11.89 -35.28 -24.25
CA CYS A 449 13.34 -35.27 -24.13
C CYS A 449 14.06 -35.93 -25.32
N LYS A 450 13.38 -36.84 -26.01
CA LYS A 450 13.99 -37.49 -27.19
C LYS A 450 14.27 -36.53 -28.33
N TRP A 451 13.38 -35.55 -28.49
CA TRP A 451 13.41 -34.54 -29.52
C TRP A 451 14.27 -33.35 -29.13
N SER A 452 14.39 -33.11 -27.82
CA SER A 452 15.06 -31.91 -27.33
C SER A 452 16.16 -32.13 -26.35
N PRO A 453 17.42 -32.11 -26.79
CA PRO A 453 18.59 -32.27 -25.91
C PRO A 453 18.54 -31.17 -24.81
N GLU A 454 18.03 -30.01 -25.17
CA GLU A 454 17.95 -28.85 -24.20
C GLU A 454 16.98 -29.25 -23.08
N LEU A 455 15.81 -29.80 -23.44
CA LEU A 455 14.89 -30.26 -22.39
C LEU A 455 15.50 -31.42 -21.57
N ALA A 456 16.17 -32.36 -22.25
CA ALA A 456 16.79 -33.46 -21.51
C ALA A 456 17.77 -32.95 -20.44
N ALA A 457 18.54 -31.92 -20.77
CA ALA A 457 19.51 -31.39 -19.81
C ALA A 457 18.81 -30.72 -18.60
N ALA A 458 17.73 -29.98 -18.89
CA ALA A 458 16.98 -29.33 -17.80
C ALA A 458 16.34 -30.39 -16.91
N CYS A 459 15.77 -31.41 -17.55
CA CYS A 459 15.16 -32.49 -16.78
C CYS A 459 16.17 -33.17 -15.85
N GLU A 460 17.40 -33.35 -16.30
CA GLU A 460 18.44 -33.99 -15.47
C GLU A 460 18.83 -33.15 -14.25
N ILE A 461 18.99 -31.84 -14.44
CA ILE A 461 19.37 -30.96 -13.36
C ILE A 461 18.31 -30.80 -12.30
N TRP A 462 17.03 -30.80 -12.69
CA TRP A 462 16.00 -30.54 -11.69
C TRP A 462 15.08 -31.68 -11.33
N LYS A 463 15.45 -32.89 -11.77
CA LYS A 463 14.58 -34.05 -11.47
C LYS A 463 14.31 -34.29 -9.98
N ALA A 464 15.23 -33.95 -9.11
CA ALA A 464 14.95 -34.21 -7.70
C ALA A 464 14.41 -32.99 -6.93
N ILE A 465 14.03 -31.94 -7.64
CA ILE A 465 13.63 -30.73 -6.93
C ILE A 465 12.13 -30.55 -6.82
N LYS A 466 11.62 -30.58 -5.58
CA LYS A 466 10.19 -30.43 -5.34
C LYS A 466 10.05 -29.53 -4.10
N PHE A 467 8.99 -28.75 -4.02
CA PHE A 467 8.77 -27.87 -2.86
C PHE A 467 7.50 -28.35 -2.21
N GLU A 468 7.67 -29.13 -1.16
CA GLU A 468 6.55 -29.74 -0.47
C GLU A 468 6.58 -29.34 1.01
N PHE A 469 5.74 -28.37 1.35
CA PHE A 469 5.59 -27.85 2.67
C PHE A 469 4.09 -27.66 2.88
N GLU A 470 3.65 -27.80 4.13
CA GLU A 470 2.26 -27.63 4.49
C GLU A 470 1.89 -26.13 4.39
N PRO A 471 0.79 -25.81 3.71
CA PRO A 471 0.45 -24.38 3.62
C PRO A 471 0.00 -23.87 4.97
N VAL A 472 0.28 -22.60 5.21
CA VAL A 472 -0.09 -21.91 6.44
C VAL A 472 -1.60 -21.56 6.44
N ASP A 473 -2.14 -21.29 5.26
CA ASP A 473 -3.57 -20.92 5.14
C ASP A 473 -4.30 -22.09 4.49
N LYS A 474 -5.29 -22.66 5.16
CA LYS A 474 -6.06 -23.74 4.59
C LYS A 474 -7.53 -23.37 4.69
N LEU A 475 -8.37 -23.89 3.82
CA LEU A 475 -9.81 -23.60 3.98
C LEU A 475 -10.26 -24.63 5.01
N MME B 1 27.48 -29.28 -24.47
CA MME B 1 26.77 -27.99 -24.58
C MME B 1 26.42 -27.63 -26.01
O MME B 1 27.33 -27.48 -26.85
CB MME B 1 27.62 -26.86 -23.99
CG MME B 1 26.83 -25.61 -23.67
SD MME B 1 27.70 -24.45 -22.56
CE MME B 1 28.75 -25.57 -21.70
CM MME B 1 26.99 -30.41 -24.99
N GLN B 2 25.14 -27.48 -26.31
CA GLN B 2 24.69 -27.11 -27.66
C GLN B 2 24.25 -25.65 -27.70
N VAL B 3 24.56 -25.00 -28.83
CA VAL B 3 24.23 -23.60 -29.08
C VAL B 3 22.90 -23.54 -29.86
N TRP B 4 21.93 -22.81 -29.32
CA TRP B 4 20.68 -22.70 -30.02
C TRP B 4 20.91 -22.01 -31.38
N PRO B 5 20.41 -22.60 -32.48
CA PRO B 5 20.60 -22.00 -33.82
C PRO B 5 20.12 -20.55 -33.96
N ILE B 6 20.80 -19.76 -34.80
CA ILE B 6 20.38 -18.38 -35.01
C ILE B 6 19.67 -18.19 -36.37
N GLU B 7 19.69 -19.20 -37.24
CA GLU B 7 19.02 -19.03 -38.54
C GLU B 7 18.37 -20.33 -38.97
N GLY B 8 17.44 -20.23 -39.92
CA GLY B 8 16.75 -21.39 -40.44
C GLY B 8 15.78 -22.06 -39.49
N ILE B 9 15.48 -21.39 -38.37
CA ILE B 9 14.55 -21.98 -37.40
C ILE B 9 13.50 -20.95 -37.01
N LYS B 10 13.10 -20.10 -37.96
CA LYS B 10 12.07 -19.09 -37.66
C LYS B 10 10.86 -19.87 -37.18
N LYS B 11 10.06 -19.24 -36.34
CA LYS B 11 8.92 -19.90 -35.70
C LYS B 11 7.53 -19.40 -36.04
N PHE B 12 6.53 -20.19 -35.70
CA PHE B 12 5.14 -19.92 -36.08
C PHE B 12 4.19 -20.10 -34.94
N GLU B 13 4.61 -19.66 -33.77
CA GLU B 13 3.76 -19.78 -32.59
C GLU B 13 3.44 -21.22 -32.18
N THR B 14 2.24 -21.47 -31.66
CA THR B 14 1.97 -22.75 -30.98
C THR B 14 2.19 -24.00 -31.83
N LEU B 15 3.01 -24.89 -31.27
CA LEU B 15 3.39 -26.21 -31.81
C LEU B 15 4.62 -26.10 -32.70
N SER B 16 5.11 -24.89 -32.95
CA SER B 16 6.26 -24.82 -33.85
C SER B 16 7.63 -25.22 -33.25
N TYR B 17 7.66 -25.60 -31.97
CA TYR B 17 8.92 -26.07 -31.39
C TYR B 17 8.91 -27.61 -31.32
N LEU B 18 7.84 -28.23 -31.81
CA LEU B 18 7.76 -29.69 -31.83
C LEU B 18 8.15 -30.19 -33.21
N PRO B 19 8.37 -31.51 -33.36
CA PRO B 19 8.71 -32.00 -34.70
C PRO B 19 7.54 -31.70 -35.66
N PRO B 20 7.80 -31.63 -36.98
CA PRO B 20 6.75 -31.35 -37.97
C PRO B 20 5.53 -32.21 -37.73
N LEU B 21 4.37 -31.61 -37.82
CA LEU B 21 3.13 -32.34 -37.57
C LEU B 21 2.82 -33.27 -38.73
N THR B 22 2.45 -34.52 -38.44
CA THR B 22 2.05 -35.43 -39.52
C THR B 22 0.56 -35.19 -39.82
N VAL B 23 0.02 -35.85 -40.84
CA VAL B 23 -1.40 -35.67 -41.13
C VAL B 23 -2.24 -36.14 -39.94
N GLU B 24 -1.85 -37.23 -39.29
CA GLU B 24 -2.61 -37.71 -38.14
C GLU B 24 -2.52 -36.69 -36.99
N ASP B 25 -1.35 -36.05 -36.83
CA ASP B 25 -1.18 -35.00 -35.79
C ASP B 25 -2.16 -33.84 -36.06
N LEU B 26 -2.22 -33.41 -37.33
CA LEU B 26 -3.11 -32.32 -37.74
C LEU B 26 -4.55 -32.75 -37.48
N LEU B 27 -4.89 -33.98 -37.87
CA LEU B 27 -6.25 -34.46 -37.60
C LEU B 27 -6.61 -34.40 -36.12
N LYS B 28 -5.69 -34.84 -35.26
CA LYS B 28 -6.03 -34.83 -33.84
C LYS B 28 -6.25 -33.42 -33.29
N GLN B 29 -5.50 -32.44 -33.81
CA GLN B 29 -5.71 -31.05 -33.31
C GLN B 29 -7.09 -30.58 -33.83
N ILE B 30 -7.44 -30.94 -35.06
CA ILE B 30 -8.74 -30.55 -35.59
C ILE B 30 -9.86 -31.25 -34.83
N GLU B 31 -9.66 -32.53 -34.45
CA GLU B 31 -10.71 -33.24 -33.66
C GLU B 31 -10.91 -32.57 -32.27
N TYR B 32 -9.81 -32.11 -31.71
CA TYR B 32 -9.88 -31.45 -30.42
C TYR B 32 -10.71 -30.16 -30.55
N LEU B 33 -10.43 -29.41 -31.62
CA LEU B 33 -11.14 -28.17 -31.91
C LEU B 33 -12.64 -28.43 -32.03
N LEU B 34 -12.99 -29.45 -32.80
CA LEU B 34 -14.40 -29.80 -33.03
C LEU B 34 -15.08 -30.38 -31.78
N ARG B 35 -14.41 -31.23 -30.99
CA ARG B 35 -15.08 -31.76 -29.80
C ARG B 35 -15.32 -30.65 -28.80
N SER B 36 -14.44 -29.65 -28.83
CA SER B 36 -14.56 -28.53 -27.91
C SER B 36 -15.63 -27.58 -28.36
N LYS B 37 -16.23 -27.83 -29.52
CA LYS B 37 -17.31 -27.02 -30.06
C LYS B 37 -16.84 -25.66 -30.59
N TRP B 38 -15.61 -25.61 -31.07
CA TRP B 38 -15.08 -24.37 -31.63
C TRP B 38 -15.29 -24.40 -33.15
N VAL B 39 -15.24 -23.23 -33.78
CA VAL B 39 -15.41 -23.14 -35.23
C VAL B 39 -14.07 -23.12 -35.94
N PRO B 40 -13.81 -24.04 -36.87
CA PRO B 40 -12.52 -23.99 -37.55
C PRO B 40 -12.51 -22.99 -38.70
N CYS B 41 -11.34 -22.47 -39.01
CA CYS B 41 -11.21 -21.58 -40.13
C CYS B 41 -9.78 -21.69 -40.64
N LEU B 42 -9.60 -21.59 -41.95
CA LEU B 42 -8.27 -21.59 -42.53
C LEU B 42 -7.88 -20.17 -42.93
N GLU B 43 -6.59 -19.83 -42.84
CA GLU B 43 -6.08 -18.51 -43.26
C GLU B 43 -4.78 -18.75 -43.98
N PHE B 44 -4.35 -17.85 -44.85
CA PHE B 44 -3.12 -18.13 -45.59
C PHE B 44 -2.40 -16.83 -45.92
N SER B 45 -1.09 -16.92 -46.18
CA SER B 45 -0.29 -15.74 -46.47
C SER B 45 1.01 -16.09 -47.17
N LYS B 46 1.46 -15.22 -48.05
CA LYS B 46 2.75 -15.44 -48.69
C LYS B 46 3.84 -14.80 -47.85
N VAL B 47 3.47 -14.10 -46.80
CA VAL B 47 4.43 -13.45 -45.87
C VAL B 47 4.23 -14.17 -44.56
N GLY B 48 5.26 -14.74 -43.97
CA GLY B 48 4.95 -15.52 -42.79
C GLY B 48 5.03 -14.85 -41.44
N PHE B 49 5.58 -13.63 -41.39
CA PHE B 49 5.87 -13.04 -40.09
C PHE B 49 5.43 -11.62 -39.96
N VAL B 50 5.37 -11.13 -38.73
CA VAL B 50 5.01 -9.75 -38.52
C VAL B 50 6.19 -8.84 -38.83
N TYR B 51 5.88 -7.57 -39.02
CA TYR B 51 6.88 -6.55 -39.30
C TYR B 51 6.27 -5.22 -38.86
N ARG B 52 6.99 -4.10 -38.99
CA ARG B 52 6.45 -2.81 -38.55
C ARG B 52 6.76 -1.77 -39.58
N GLU B 53 5.90 -1.64 -40.58
CA GLU B 53 6.12 -0.69 -41.66
C GLU B 53 5.35 0.60 -41.47
N ASN B 54 4.09 0.49 -41.03
CA ASN B 54 3.24 1.69 -40.91
C ASN B 54 3.25 2.42 -39.61
N HIS B 55 3.70 1.75 -38.55
CA HIS B 55 3.70 2.41 -37.27
C HIS B 55 4.55 1.58 -36.34
N ARG B 56 5.04 2.25 -35.28
CA ARG B 56 5.85 1.56 -34.27
C ARG B 56 5.32 1.90 -32.89
N SER B 57 4.07 2.31 -32.78
CA SER B 57 3.50 2.61 -31.44
C SER B 57 3.16 1.31 -30.69
N PRO B 58 3.04 1.38 -29.35
CA PRO B 58 2.74 0.13 -28.61
C PRO B 58 1.59 -0.69 -29.11
N GLY B 59 1.85 -1.97 -29.34
CA GLY B 59 0.76 -2.84 -29.75
C GLY B 59 0.43 -2.77 -31.24
N TYR B 60 1.15 -1.94 -32.00
CA TYR B 60 0.92 -1.92 -33.46
C TYR B 60 1.97 -2.72 -34.17
N TYR B 61 1.54 -3.71 -34.96
CA TYR B 61 2.45 -4.46 -35.82
C TYR B 61 1.69 -4.70 -37.11
N ASP B 62 2.43 -4.75 -38.20
CA ASP B 62 1.80 -5.23 -39.46
C ASP B 62 2.03 -6.76 -39.54
N GLY B 63 1.28 -7.41 -40.45
CA GLY B 63 1.47 -8.83 -40.65
C GLY B 63 0.76 -9.75 -39.69
N ARG B 64 -0.05 -9.22 -38.76
CA ARG B 64 -0.75 -10.12 -37.88
C ARG B 64 -1.92 -10.71 -38.62
N TYR B 65 -2.61 -9.94 -39.47
CA TYR B 65 -3.69 -10.56 -40.23
C TYR B 65 -3.11 -11.33 -41.41
N TRP B 66 -3.67 -12.52 -41.62
CA TRP B 66 -3.39 -13.26 -42.86
C TRP B 66 -4.74 -13.23 -43.61
N THR B 67 -4.82 -13.86 -44.78
CA THR B 67 -6.05 -13.79 -45.55
C THR B 67 -6.95 -14.98 -45.23
N MET B 68 -8.26 -14.72 -45.14
CA MET B 68 -9.22 -15.79 -44.84
C MET B 68 -9.43 -16.70 -46.06
N TRP B 69 -9.35 -18.03 -45.85
CA TRP B 69 -9.68 -18.97 -46.92
C TRP B 69 -11.20 -19.21 -46.77
N LYS B 70 -12.00 -18.76 -47.75
CA LYS B 70 -13.44 -18.91 -47.73
C LYS B 70 -14.07 -18.32 -46.46
N LEU B 71 -14.86 -19.08 -45.70
CA LEU B 71 -15.44 -18.57 -44.47
C LEU B 71 -15.22 -19.58 -43.35
N PRO B 72 -15.44 -19.19 -42.09
CA PRO B 72 -15.26 -20.15 -41.01
C PRO B 72 -16.28 -21.26 -41.28
N MET B 73 -15.89 -22.46 -40.87
CA MET B 73 -16.74 -23.64 -41.14
C MET B 73 -17.79 -23.85 -40.09
N PHE B 74 -18.76 -22.93 -40.02
CA PHE B 74 -19.84 -23.02 -39.02
C PHE B 74 -20.62 -24.32 -39.27
N GLY B 75 -20.89 -25.02 -38.17
CA GLY B 75 -21.63 -26.28 -38.27
C GLY B 75 -20.86 -27.55 -38.65
N CYS B 76 -19.54 -27.42 -38.86
CA CYS B 76 -18.66 -28.55 -39.20
C CYS B 76 -18.58 -29.58 -38.08
N THR B 77 -18.73 -30.85 -38.44
CA THR B 77 -18.63 -31.89 -37.44
C THR B 77 -17.70 -32.96 -37.94
N ASP B 78 -16.93 -32.66 -38.99
CA ASP B 78 -16.03 -33.69 -39.50
C ASP B 78 -14.64 -33.17 -39.78
N ALA B 79 -13.66 -33.65 -39.01
CA ALA B 79 -12.28 -33.19 -39.19
C ALA B 79 -11.75 -33.41 -40.59
N THR B 80 -12.24 -34.48 -41.22
CA THR B 80 -11.85 -34.82 -42.58
C THR B 80 -12.14 -33.70 -43.58
N GLN B 81 -13.28 -33.04 -43.37
CA GLN B 81 -13.72 -31.92 -44.20
C GLN B 81 -12.73 -30.77 -44.08
N VAL B 82 -12.27 -30.51 -42.84
CA VAL B 82 -11.29 -29.44 -42.65
C VAL B 82 -10.00 -29.81 -43.42
N LEU B 83 -9.59 -31.08 -43.39
CA LEU B 83 -8.40 -31.50 -44.12
C LEU B 83 -8.59 -31.34 -45.63
N LYS B 84 -9.79 -31.65 -46.12
CA LYS B 84 -10.07 -31.46 -47.54
C LYS B 84 -9.89 -29.97 -47.94
N GLU B 85 -10.39 -29.04 -47.10
CA GLU B 85 -10.21 -27.62 -47.42
C GLU B 85 -8.74 -27.26 -47.36
N LEU B 86 -7.97 -27.84 -46.43
CA LEU B 86 -6.55 -27.53 -46.38
C LEU B 86 -5.89 -27.97 -47.70
N GLU B 87 -6.33 -29.10 -48.21
CA GLU B 87 -5.75 -29.59 -49.45
C GLU B 87 -6.13 -28.64 -50.61
N GLU B 88 -7.37 -28.15 -50.63
CA GLU B 88 -7.75 -27.21 -51.65
C GLU B 88 -6.95 -25.92 -51.55
N ALA B 89 -6.67 -25.45 -50.32
CA ALA B 89 -5.90 -24.21 -50.20
C ALA B 89 -4.46 -24.36 -50.67
N LYS B 90 -3.83 -25.48 -50.32
CA LYS B 90 -2.45 -25.69 -50.78
C LYS B 90 -2.39 -25.84 -52.31
N LYS B 91 -3.43 -26.40 -52.92
CA LYS B 91 -3.46 -26.59 -54.35
C LYS B 91 -3.60 -25.24 -55.02
N ALA B 92 -4.43 -24.36 -54.43
CA ALA B 92 -4.63 -23.01 -54.95
C ALA B 92 -3.45 -22.08 -54.67
N TYR B 93 -2.78 -22.25 -53.53
CA TYR B 93 -1.67 -21.37 -53.14
C TYR B 93 -0.50 -22.18 -52.60
N PRO B 94 0.17 -22.92 -53.49
CA PRO B 94 1.28 -23.73 -53.02
C PRO B 94 2.46 -22.97 -52.45
N ASP B 95 2.54 -21.69 -52.76
CA ASP B 95 3.62 -20.86 -52.24
C ASP B 95 3.16 -20.04 -51.04
N ALA B 96 2.08 -20.45 -50.40
CA ALA B 96 1.63 -19.72 -49.21
C ALA B 96 1.68 -20.60 -47.99
N PHE B 97 1.83 -19.97 -46.83
CA PHE B 97 1.73 -20.66 -45.57
C PHE B 97 0.20 -20.76 -45.34
N VAL B 98 -0.25 -21.85 -44.72
CA VAL B 98 -1.66 -22.01 -44.38
C VAL B 98 -1.75 -22.38 -42.94
N ARG B 99 -2.61 -21.68 -42.20
CA ARG B 99 -2.80 -22.01 -40.80
C ARG B 99 -4.27 -22.35 -40.51
N ILE B 100 -4.47 -23.18 -39.51
CA ILE B 100 -5.81 -23.54 -39.10
C ILE B 100 -6.06 -22.90 -37.75
N ILE B 101 -7.21 -22.21 -37.60
CA ILE B 101 -7.54 -21.60 -36.31
C ILE B 101 -8.89 -22.13 -35.87
N GLY B 102 -9.20 -21.91 -34.60
CA GLY B 102 -10.49 -22.35 -34.10
C GLY B 102 -10.95 -21.30 -33.10
N PHE B 103 -12.19 -20.87 -33.18
CA PHE B 103 -12.64 -19.88 -32.22
C PHE B 103 -13.90 -20.21 -31.50
N ASP B 104 -14.04 -19.58 -30.34
CA ASP B 104 -15.17 -19.70 -29.45
C ASP B 104 -15.89 -18.37 -29.62
N ASN B 105 -17.12 -18.40 -30.10
CA ASN B 105 -17.84 -17.13 -30.31
C ASN B 105 -18.45 -16.53 -29.04
N VAL B 106 -18.49 -17.30 -27.95
CA VAL B 106 -19.04 -16.83 -26.68
C VAL B 106 -18.03 -15.93 -26.01
N ARG B 107 -16.81 -16.39 -25.90
CA ARG B 107 -15.74 -15.58 -25.35
C ARG B 107 -15.15 -14.70 -26.41
N GLN B 108 -15.50 -14.99 -27.66
CA GLN B 108 -14.95 -14.27 -28.79
C GLN B 108 -13.45 -14.19 -28.79
N VAL B 109 -12.83 -15.36 -28.93
CA VAL B 109 -11.38 -15.36 -29.08
C VAL B 109 -10.93 -16.65 -29.73
N GLN B 110 -9.77 -16.64 -30.35
CA GLN B 110 -9.24 -17.85 -30.98
C GLN B 110 -8.65 -18.69 -29.86
N LEU B 111 -9.01 -19.98 -29.86
CA LEU B 111 -8.54 -20.88 -28.80
C LEU B 111 -7.48 -21.83 -29.30
N ILE B 112 -7.23 -21.82 -30.60
CA ILE B 112 -6.22 -22.71 -31.11
C ILE B 112 -5.79 -22.13 -32.45
N SER B 113 -4.50 -22.25 -32.75
CA SER B 113 -4.00 -21.74 -34.03
C SER B 113 -2.66 -22.40 -34.33
N PHE B 114 -2.54 -23.03 -35.48
CA PHE B 114 -1.27 -23.65 -35.80
C PHE B 114 -1.04 -23.73 -37.30
N ILE B 115 0.23 -23.74 -37.68
CA ILE B 115 0.58 -23.87 -39.09
C ILE B 115 0.32 -25.28 -39.56
N ALA B 116 -0.36 -25.38 -40.69
CA ALA B 116 -0.73 -26.66 -41.23
C ALA B 116 -0.01 -26.92 -42.58
N TYR B 117 0.63 -25.90 -43.16
CA TYR B 117 1.36 -26.07 -44.43
C TYR B 117 2.35 -24.96 -44.61
N LYS B 118 3.58 -25.29 -44.99
CA LYS B 118 4.61 -24.28 -45.26
C LYS B 118 5.04 -24.55 -46.68
N PRO B 119 5.26 -23.50 -47.48
CA PRO B 119 5.69 -23.68 -48.87
C PRO B 119 7.12 -24.24 -48.92
N PRO B 120 7.45 -24.94 -50.03
CA PRO B 120 8.80 -25.54 -50.21
C PRO B 120 9.94 -24.54 -50.01
N GLY B 121 10.81 -24.85 -49.05
CA GLY B 121 11.93 -23.97 -48.71
C GLY B 121 11.63 -23.02 -47.56
N CYS B 122 10.58 -23.28 -46.78
CA CYS B 122 10.25 -22.41 -45.66
C CYS B 122 9.93 -23.20 -44.41
N GLY C 12 33.95 -22.23 -12.08
CA GLY C 12 33.08 -22.77 -13.15
C GLY C 12 31.60 -22.68 -12.77
N PHE C 13 30.74 -22.54 -13.78
CA PHE C 13 29.29 -22.48 -13.54
C PHE C 13 28.83 -23.91 -13.31
N LYS C 14 28.17 -24.12 -12.19
CA LYS C 14 27.64 -25.46 -11.84
C LYS C 14 26.13 -25.32 -11.69
N ALA C 15 25.38 -25.80 -12.66
CA ALA C 15 23.92 -25.70 -12.60
C ALA C 15 23.35 -26.57 -11.50
N GLY C 16 22.19 -26.17 -11.01
CA GLY C 16 21.54 -26.94 -9.98
C GLY C 16 21.25 -26.16 -8.71
N VAL C 17 20.52 -26.82 -7.82
CA VAL C 17 20.11 -26.24 -6.54
C VAL C 17 21.09 -26.49 -5.38
N LYS C 18 21.40 -25.44 -4.64
CA LYS C 18 22.17 -25.62 -3.41
C LYS C 18 21.54 -24.78 -2.34
N ASP C 19 21.84 -25.10 -1.08
CA ASP C 19 21.18 -24.36 0.03
C ASP C 19 21.54 -22.85 -0.04
N TYR C 20 20.59 -22.02 0.33
CA TYR C 20 20.83 -20.58 0.33
C TYR C 20 21.93 -20.25 1.33
N LYS C 21 22.02 -20.98 2.45
CA LYS C 21 23.01 -20.62 3.44
C LYS C 21 24.44 -20.67 2.97
N LEU C 22 24.71 -21.41 1.90
CA LEU C 22 26.10 -21.49 1.43
C LEU C 22 26.58 -20.16 0.91
N THR C 23 25.67 -19.29 0.49
CA THR C 23 26.10 -18.00 -0.05
C THR C 23 25.58 -16.82 0.79
N TYR C 24 24.42 -17.03 1.42
CA TYR C 24 23.73 -15.88 2.07
C TYR C 24 23.70 -15.88 3.57
N TYR C 25 24.32 -16.88 4.24
CA TYR C 25 24.41 -16.84 5.71
C TYR C 25 25.91 -16.52 5.93
N THR C 26 26.19 -15.32 6.45
CA THR C 26 27.54 -14.84 6.61
C THR C 26 27.69 -14.28 8.00
N PRO C 27 27.74 -15.17 9.01
CA PRO C 27 27.85 -14.75 10.41
C PRO C 27 29.09 -13.97 10.78
N GLU C 28 30.11 -14.01 9.93
CA GLU C 28 31.32 -13.25 10.22
C GLU C 28 31.32 -11.84 9.61
N TYR C 29 30.26 -11.51 8.88
CA TYR C 29 30.19 -10.21 8.25
C TYR C 29 30.04 -9.07 9.25
N GLU C 30 30.82 -8.00 9.03
CA GLU C 30 30.79 -6.81 9.85
C GLU C 30 30.02 -5.81 8.95
N THR C 31 28.93 -5.32 9.50
CA THR C 31 28.08 -4.40 8.74
C THR C 31 28.79 -3.08 8.43
N LYS C 32 28.42 -2.49 7.30
CA LYS C 32 28.96 -1.19 6.87
C LYS C 32 27.99 -0.08 7.24
N ASP C 33 28.54 1.10 7.50
CA ASP C 33 27.70 2.23 7.88
C ASP C 33 26.74 2.65 6.76
N THR C 34 26.97 2.15 5.55
CA THR C 34 26.07 2.46 4.44
C THR C 34 24.99 1.38 4.20
N ASP C 35 25.09 0.26 4.90
CA ASP C 35 24.14 -0.82 4.69
C ASP C 35 22.78 -0.48 5.31
N ILE C 36 21.71 -0.97 4.67
CA ILE C 36 20.39 -0.93 5.30
C ILE C 36 20.34 -2.28 6.06
N LEU C 37 19.97 -2.22 7.35
CA LEU C 37 19.91 -3.45 8.17
C LEU C 37 18.46 -3.73 8.45
N ALA C 38 18.12 -5.01 8.46
CA ALA C 38 16.75 -5.42 8.80
C ALA C 38 16.76 -6.43 9.93
N ALA C 39 15.78 -6.35 10.81
CA ALA C 39 15.63 -7.34 11.88
C ALA C 39 14.31 -8.08 11.59
N PHE C 40 14.41 -9.34 11.20
CA PHE C 40 13.23 -10.16 10.91
C PHE C 40 12.93 -11.16 12.01
N ARG C 41 11.67 -11.25 12.44
CA ARG C 41 11.25 -12.31 13.39
C ARG C 41 10.76 -13.45 12.43
N VAL C 42 11.54 -14.52 12.40
CA VAL C 42 11.28 -15.61 11.47
C VAL C 42 10.86 -16.89 12.18
N THR C 43 9.80 -17.54 11.67
CA THR C 43 9.33 -18.83 12.23
C THR C 43 9.48 -19.83 11.05
N PRO C 44 10.53 -20.67 11.05
CA PRO C 44 10.71 -21.63 9.94
C PRO C 44 9.75 -22.77 10.00
N GLN C 45 9.57 -23.42 8.87
CA GLN C 45 8.77 -24.65 8.88
C GLN C 45 9.62 -25.69 9.62
N PRO C 46 8.97 -26.74 10.14
CA PRO C 46 9.72 -27.81 10.84
C PRO C 46 10.72 -28.40 9.87
N GLY C 47 11.93 -28.64 10.33
CA GLY C 47 12.91 -29.26 9.44
C GLY C 47 13.78 -28.26 8.69
N VAL C 48 13.42 -26.98 8.73
CA VAL C 48 14.23 -25.99 8.00
C VAL C 48 15.10 -25.36 9.05
N PRO C 49 16.43 -25.47 8.89
CA PRO C 49 17.30 -24.88 9.91
C PRO C 49 17.14 -23.37 9.94
N PRO C 50 17.20 -22.75 11.13
CA PRO C 50 17.05 -21.29 11.17
C PRO C 50 18.10 -20.57 10.28
N GLU C 51 19.33 -21.09 10.13
CA GLU C 51 20.34 -20.44 9.29
C GLU C 51 19.86 -20.45 7.82
N GLU C 52 19.20 -21.52 7.41
CA GLU C 52 18.76 -21.62 6.03
C GLU C 52 17.56 -20.69 5.83
N ALA C 53 16.65 -20.65 6.80
CA ALA C 53 15.49 -19.73 6.72
C ALA C 53 16.02 -18.28 6.62
N GLY C 54 17.00 -17.90 7.45
CA GLY C 54 17.50 -16.52 7.40
C GLY C 54 18.21 -16.23 6.09
N ALA C 55 18.96 -17.21 5.60
CA ALA C 55 19.65 -17.07 4.33
C ALA C 55 18.65 -16.94 3.15
N ALA C 56 17.57 -17.71 3.22
CA ALA C 56 16.55 -17.64 2.11
C ALA C 56 15.94 -16.23 2.12
N VAL C 57 15.65 -15.70 3.30
CA VAL C 57 15.08 -14.35 3.38
C VAL C 57 16.10 -13.36 2.81
N ALA C 58 17.37 -13.46 3.20
CA ALA C 58 18.36 -12.52 2.65
C ALA C 58 18.52 -12.67 1.14
N ALA C 59 18.57 -13.92 0.65
CA ALA C 59 18.80 -14.12 -0.76
C ALA C 59 17.66 -13.56 -1.62
N GLU C 60 16.45 -13.95 -1.27
CA GLU C 60 15.29 -13.64 -2.08
C GLU C 60 14.76 -12.25 -1.92
N SER C 61 15.43 -11.46 -1.10
CA SER C 61 15.09 -10.03 -0.98
C SER C 61 16.28 -9.20 -1.52
N SER C 62 17.23 -9.84 -2.21
CA SER C 62 18.40 -9.11 -2.68
C SER C 62 18.85 -9.53 -4.06
N THR C 63 19.55 -10.65 -4.19
CA THR C 63 20.12 -11.09 -5.44
C THR C 63 19.82 -12.51 -5.89
N GLY C 64 19.36 -13.35 -4.95
CA GLY C 64 19.29 -14.77 -5.27
C GLY C 64 17.96 -15.32 -5.73
N THR C 65 18.03 -16.49 -6.35
CA THR C 65 16.83 -17.25 -6.66
C THR C 65 17.08 -18.70 -6.26
N TRP C 66 16.18 -19.58 -6.70
CA TRP C 66 16.13 -20.94 -6.18
C TRP C 66 17.09 -21.95 -6.72
N THR C 67 17.73 -21.60 -7.81
CA THR C 67 18.72 -22.50 -8.44
C THR C 67 19.88 -21.62 -8.90
N THR C 68 21.08 -22.19 -9.13
CA THR C 68 22.23 -21.40 -9.51
C THR C 68 22.10 -20.86 -10.95
N VAL C 69 22.38 -19.56 -11.12
CA VAL C 69 22.29 -18.94 -12.45
C VAL C 69 23.70 -18.48 -12.87
N TRP C 70 24.02 -18.74 -14.12
CA TRP C 70 25.37 -18.40 -14.61
C TRP C 70 25.66 -16.90 -14.62
N THR C 71 24.59 -16.11 -14.69
CA THR C 71 24.71 -14.65 -14.77
C THR C 71 25.23 -14.06 -13.46
N ASP C 72 25.24 -14.81 -12.37
CA ASP C 72 25.87 -14.23 -11.16
C ASP C 72 27.33 -13.92 -11.50
N GLY C 73 27.92 -14.70 -12.39
CA GLY C 73 29.29 -14.47 -12.81
C GLY C 73 29.61 -13.23 -13.63
N LEU C 74 28.57 -12.57 -14.13
CA LEU C 74 28.78 -11.31 -14.89
C LEU C 74 28.97 -10.14 -13.93
N THR C 75 28.53 -10.34 -12.68
CA THR C 75 28.64 -9.30 -11.68
C THR C 75 29.30 -9.78 -10.43
N SER C 76 29.14 -9.06 -9.34
CA SER C 76 29.82 -9.46 -8.09
C SER C 76 28.81 -9.62 -6.96
N LEU C 77 28.50 -10.87 -6.62
CA LEU C 77 27.58 -11.11 -5.53
C LEU C 77 28.23 -10.64 -4.23
N ASP C 78 29.55 -10.63 -4.17
CA ASP C 78 30.17 -10.13 -2.92
C ASP C 78 29.78 -8.67 -2.69
N ARG C 79 29.65 -7.92 -3.78
CA ARG C 79 29.32 -6.51 -3.65
C ARG C 79 27.85 -6.29 -3.39
N TYR C 80 27.01 -7.09 -4.04
CA TYR C 80 25.57 -6.81 -4.00
C TYR C 80 24.68 -7.67 -3.12
N LYS C 81 25.14 -8.86 -2.72
CA LYS C 81 24.19 -9.69 -2.00
C LYS C 81 23.75 -9.18 -0.62
N GLY C 82 22.48 -9.44 -0.33
CA GLY C 82 21.99 -9.21 1.02
C GLY C 82 22.54 -10.39 1.81
N ARG C 83 22.77 -10.20 3.09
CA ARG C 83 23.35 -11.29 3.84
C ARG C 83 22.87 -11.37 5.27
N CYS C 84 22.50 -12.58 5.69
CA CYS C 84 22.04 -12.81 7.03
C CYS C 84 23.32 -12.96 7.86
N TYR C 85 23.55 -11.99 8.72
CA TYR C 85 24.82 -11.96 9.48
C TYR C 85 24.65 -12.30 10.93
N HIS C 86 23.41 -12.54 11.40
CA HIS C 86 23.26 -12.92 12.78
C HIS C 86 21.89 -13.51 12.99
N ILE C 87 21.82 -14.59 13.79
CA ILE C 87 20.54 -15.19 14.08
C ILE C 87 20.45 -15.51 15.53
N GLU C 88 19.33 -15.20 16.14
CA GLU C 88 19.23 -15.53 17.57
C GLU C 88 17.86 -16.02 17.91
N PRO C 89 17.78 -17.00 18.81
CA PRO C 89 16.46 -17.49 19.14
C PRO C 89 15.74 -16.47 20.01
N VAL C 90 14.41 -16.49 19.91
CA VAL C 90 13.59 -15.63 20.73
C VAL C 90 13.26 -16.43 21.97
N VAL C 91 13.66 -15.90 23.12
CA VAL C 91 13.38 -16.54 24.41
C VAL C 91 11.91 -16.63 24.70
N GLY C 92 11.43 -17.80 25.10
CA GLY C 92 10.01 -17.86 25.42
C GLY C 92 9.09 -18.14 24.27
N GLU C 93 9.63 -18.21 23.06
CA GLU C 93 8.79 -18.52 21.91
C GLU C 93 9.28 -19.86 21.42
N ASP C 94 8.43 -20.58 20.72
CA ASP C 94 8.87 -21.85 20.20
C ASP C 94 9.12 -21.59 18.71
N ASN C 95 10.29 -22.07 18.26
CA ASN C 95 10.69 -22.07 16.87
C ASN C 95 10.73 -20.69 16.23
N GLN C 96 11.10 -19.68 16.99
CA GLN C 96 11.12 -18.32 16.46
C GLN C 96 12.50 -17.71 16.68
N TYR C 97 12.96 -16.90 15.70
CA TYR C 97 14.31 -16.33 15.74
C TYR C 97 14.29 -14.93 15.24
N ILE C 98 15.27 -14.13 15.67
CA ILE C 98 15.40 -12.81 15.02
C ILE C 98 16.61 -13.01 14.07
N ALA C 99 16.40 -12.84 12.75
CA ALA C 99 17.47 -12.97 11.79
C ALA C 99 17.77 -11.53 11.32
N TYR C 100 19.04 -11.15 11.36
CA TYR C 100 19.49 -9.80 10.96
C TYR C 100 20.09 -9.92 9.57
N VAL C 101 19.65 -9.03 8.67
CA VAL C 101 20.09 -9.05 7.28
C VAL C 101 20.65 -7.67 6.94
N ALA C 102 21.77 -7.68 6.23
CA ALA C 102 22.39 -6.44 5.82
C ALA C 102 22.25 -6.35 4.28
N TYR C 103 21.78 -5.18 3.79
CA TYR C 103 21.62 -4.93 2.33
C TYR C 103 22.53 -3.79 1.91
N PRO C 104 23.35 -4.00 0.90
CA PRO C 104 24.23 -2.91 0.45
C PRO C 104 23.42 -1.71 -0.07
N LEU C 105 23.96 -0.53 0.18
CA LEU C 105 23.30 0.71 -0.26
C LEU C 105 22.95 0.73 -1.72
N ASP C 106 23.81 0.13 -2.56
CA ASP C 106 23.61 0.16 -3.98
C ASP C 106 22.37 -0.59 -4.42
N LEU C 107 21.76 -1.37 -3.55
CA LEU C 107 20.59 -2.12 -3.97
C LEU C 107 19.34 -1.23 -4.11
N PHE C 108 19.43 -0.01 -3.58
CA PHE C 108 18.20 0.76 -3.46
C PHE C 108 18.09 2.00 -4.34
N GLU C 109 16.85 2.22 -4.80
CA GLU C 109 16.63 3.45 -5.58
C GLU C 109 16.52 4.63 -4.62
N GLU C 110 17.34 5.65 -4.89
CA GLU C 110 17.32 6.85 -4.07
C GLU C 110 15.92 7.47 -4.04
N GLY C 111 15.52 7.90 -2.84
CA GLY C 111 14.24 8.62 -2.70
C GLY C 111 12.99 7.80 -2.84
N SER C 112 13.13 6.47 -2.94
CA SER C 112 11.96 5.60 -3.17
C SER C 112 11.65 4.59 -2.08
N VAL C 113 10.74 4.96 -1.16
CA VAL C 113 10.34 4.00 -0.13
C VAL C 113 9.73 2.79 -0.85
N THR C 114 8.99 3.06 -1.94
CA THR C 114 8.44 1.94 -2.71
C THR C 114 9.51 0.92 -3.07
N ASN C 115 10.64 1.38 -3.60
CA ASN C 115 11.68 0.40 -3.97
C ASN C 115 12.25 -0.32 -2.77
N MET C 116 12.48 0.41 -1.68
CA MET C 116 13.03 -0.24 -0.47
C MET C 116 12.10 -1.38 0.01
N PHE C 117 10.79 -1.10 0.10
CA PHE C 117 9.87 -2.15 0.57
C PHE C 117 9.81 -3.26 -0.45
N THR C 118 9.86 -2.91 -1.74
CA THR C 118 9.77 -3.98 -2.78
C THR C 118 10.88 -5.03 -2.58
N SER C 119 12.09 -4.59 -2.27
CA SER C 119 13.13 -5.59 -1.99
C SER C 119 12.94 -6.26 -0.64
N ILE C 120 12.86 -5.48 0.43
CA ILE C 120 12.96 -6.10 1.76
C ILE C 120 11.72 -6.90 2.11
N VAL C 121 10.55 -6.49 1.64
CA VAL C 121 9.36 -7.29 1.99
C VAL C 121 8.57 -7.71 0.76
N GLY C 122 9.19 -7.72 -0.40
CA GLY C 122 8.43 -8.04 -1.61
C GLY C 122 7.93 -9.45 -1.78
N ASN C 123 8.82 -10.41 -1.65
CA ASN C 123 8.37 -11.80 -1.89
C ASN C 123 8.66 -12.74 -0.74
N VAL C 124 9.55 -12.38 0.17
CA VAL C 124 9.95 -13.37 1.18
C VAL C 124 8.91 -13.80 2.17
N PHE C 125 7.88 -13.02 2.40
CA PHE C 125 6.86 -13.41 3.38
C PHE C 125 5.99 -14.58 2.94
N GLY C 126 6.06 -14.92 1.67
CA GLY C 126 5.22 -16.04 1.14
C GLY C 126 5.99 -17.32 0.91
N PHE C 127 7.26 -17.37 1.30
CA PHE C 127 8.04 -18.60 1.05
C PHE C 127 7.45 -19.82 1.79
N LYS C 128 7.34 -20.92 1.05
CA LYS C 128 6.78 -22.12 1.65
C LYS C 128 7.61 -22.59 2.81
N ALA C 129 8.91 -22.35 2.78
CA ALA C 129 9.80 -22.82 3.87
C ALA C 129 9.65 -22.09 5.18
N LEU C 130 8.84 -21.03 5.19
CA LEU C 130 8.61 -20.30 6.44
C LEU C 130 7.13 -20.48 6.85
N ARG C 131 6.88 -20.49 8.16
CA ARG C 131 5.51 -20.51 8.69
C ARG C 131 5.04 -19.05 8.91
N ALA C 132 5.97 -18.14 9.24
CA ALA C 132 5.62 -16.75 9.54
C ALA C 132 6.87 -15.91 9.47
N LEU C 133 6.65 -14.63 9.19
CA LEU C 133 7.78 -13.70 9.09
C LEU C 133 7.26 -12.30 9.44
N ARG C 134 8.00 -11.59 10.29
CA ARG C 134 7.64 -10.19 10.60
C ARG C 134 8.87 -9.32 10.52
N LEU C 135 8.73 -8.19 9.81
CA LEU C 135 9.88 -7.24 9.80
C LEU C 135 9.68 -6.33 11.00
N GLU C 136 10.63 -6.38 11.95
CA GLU C 136 10.55 -5.57 13.17
C GLU C 136 11.18 -4.21 13.08
N ASP C 137 12.29 -4.08 12.35
CA ASP C 137 12.95 -2.78 12.34
C ASP C 137 13.87 -2.74 11.16
N LEU C 138 14.18 -1.51 10.74
CA LEU C 138 15.15 -1.28 9.67
C LEU C 138 16.12 -0.18 10.11
N ARG C 139 17.42 -0.37 9.88
CA ARG C 139 18.37 0.71 10.19
C ARG C 139 18.57 1.44 8.83
N ILE C 140 18.09 2.69 8.77
CA ILE C 140 18.13 3.44 7.53
C ILE C 140 19.45 4.28 7.69
N PRO C 141 20.47 4.04 6.86
CA PRO C 141 21.71 4.79 7.02
C PRO C 141 21.53 6.21 6.50
N PRO C 142 22.29 7.16 7.02
CA PRO C 142 22.24 8.57 6.59
C PRO C 142 22.47 8.68 5.09
N THR C 143 23.34 7.85 4.52
CA THR C 143 23.60 7.93 3.09
C THR C 143 22.35 7.64 2.27
N TYR C 144 21.40 6.89 2.82
CA TYR C 144 20.17 6.67 2.09
C TYR C 144 19.10 7.69 2.44
N SER C 145 18.95 8.02 3.73
CA SER C 145 17.89 8.95 4.11
C SER C 145 18.13 10.35 3.51
N LYS C 146 19.38 10.76 3.29
CA LYS C 146 19.63 12.07 2.72
C LYS C 146 19.09 12.15 1.28
N THR C 147 18.72 11.03 0.65
CA THR C 147 18.17 11.09 -0.74
C THR C 147 16.66 11.32 -0.72
N PHE C 148 16.09 11.52 0.46
CA PHE C 148 14.66 11.75 0.59
C PHE C 148 14.38 13.18 1.06
N GLN C 149 13.28 13.75 0.56
CA GLN C 149 12.92 15.09 1.06
C GLN C 149 12.52 15.02 2.53
N GLY C 150 11.73 14.00 2.89
CA GLY C 150 11.20 13.93 4.24
C GLY C 150 10.01 14.86 4.42
N PRO C 151 9.69 15.23 5.66
CA PRO C 151 8.53 16.11 5.93
C PRO C 151 8.56 17.38 5.12
N PRO C 152 7.42 17.79 4.58
CA PRO C 152 7.42 19.05 3.84
C PRO C 152 7.88 20.23 4.74
N HIS C 153 7.57 20.15 6.04
CA HIS C 153 7.90 21.25 6.97
C HIS C 153 8.57 20.72 8.24
N GLY C 154 7.90 19.83 8.96
CA GLY C 154 8.53 19.36 10.21
C GLY C 154 8.05 20.19 11.41
N ILE C 155 8.32 19.62 12.59
CA ILE C 155 7.81 20.20 13.82
C ILE C 155 8.03 21.67 14.04
N GLN C 156 9.29 22.09 13.97
CA GLN C 156 9.60 23.48 14.24
C GLN C 156 8.95 24.43 13.26
N VAL C 157 9.05 24.10 11.97
CA VAL C 157 8.48 24.99 10.98
C VAL C 157 6.98 25.08 11.11
N GLU C 158 6.32 23.95 11.42
CA GLU C 158 4.88 23.96 11.58
C GLU C 158 4.49 24.85 12.74
N ARG C 159 5.15 24.73 13.87
CA ARG C 159 4.83 25.64 14.99
C ARG C 159 5.07 27.08 14.61
N ASP C 160 6.15 27.33 13.87
CA ASP C 160 6.44 28.71 13.46
C ASP C 160 5.41 29.31 12.49
N LYS C 161 4.91 28.47 11.58
CA LYS C 161 3.90 28.96 10.62
C LYS C 161 2.56 29.24 11.29
N LEU C 162 2.21 28.42 12.30
CA LEU C 162 0.93 28.56 12.96
C LEU C 162 0.98 29.44 14.21
N ASN C 163 2.19 29.83 14.61
CA ASN C 163 2.41 30.65 15.83
C ASN C 163 1.86 29.93 17.05
N LYS C 164 2.12 28.62 17.17
CA LYS C 164 1.59 27.86 18.30
C LYS C 164 2.75 27.18 19.03
N TYR C 165 2.91 27.51 20.31
CA TYR C 165 3.99 27.04 21.11
C TYR C 165 3.54 26.73 22.54
N GLY C 166 4.23 25.77 23.13
CA GLY C 166 4.03 25.54 24.55
C GLY C 166 3.00 24.54 24.98
N ARG C 167 2.40 23.83 24.02
CA ARG C 167 1.41 22.84 24.38
C ARG C 167 1.13 21.94 23.19
N PRO C 168 0.52 20.79 23.43
CA PRO C 168 0.16 19.91 22.31
C PRO C 168 -0.89 20.71 21.51
N LEU C 169 -0.96 20.40 20.21
CA LEU C 169 -2.01 20.98 19.36
C LEU C 169 -3.25 20.10 19.57
N LEU C 170 -4.41 20.66 19.26
CA LEU C 170 -5.68 19.97 19.45
C LEU C 170 -6.48 19.90 18.17
N GLY C 171 -6.95 18.69 17.88
CA GLY C 171 -7.72 18.43 16.67
C GLY C 171 -8.99 17.66 16.99
N CYS C 172 -9.66 17.21 15.92
CA CYS C 172 -10.98 16.58 16.05
C CYS C 172 -11.44 16.09 14.70
N THR C 173 -11.80 14.81 14.61
CA THR C 173 -12.33 14.30 13.36
C THR C 173 -13.86 14.55 13.35
N ILE C 174 -14.40 15.11 12.26
CA ILE C 174 -15.83 15.28 12.16
C ILE C 174 -16.56 13.91 12.10
N LYS C 175 -17.75 13.84 12.71
CA LYS C 175 -18.53 12.58 12.74
C LYS C 175 -20.01 12.97 12.51
N PRO C 176 -20.83 12.04 12.00
CA PRO C 176 -20.58 10.61 11.66
C PRO C 176 -19.48 10.53 10.58
N LYS C 177 -18.80 9.38 10.50
CA LYS C 177 -17.63 9.27 9.61
C LYS C 177 -18.05 9.63 8.17
N LEU C 178 -19.14 9.03 7.71
CA LEU C 178 -19.63 9.30 6.35
C LEU C 178 -21.11 9.68 6.48
N GLY C 179 -21.65 10.28 5.42
CA GLY C 179 -23.06 10.62 5.42
C GLY C 179 -23.43 12.08 5.62
N LEU C 180 -22.50 12.92 6.08
CA LEU C 180 -22.80 14.35 6.24
C LEU C 180 -22.62 15.11 4.92
N SER C 181 -23.45 16.08 4.70
CA SER C 181 -23.32 16.96 3.50
C SER C 181 -22.14 17.93 3.65
N ALA C 182 -21.70 18.52 2.55
CA ALA C 182 -20.65 19.50 2.61
C ALA C 182 -20.98 20.68 3.56
N LYS C 183 -22.22 21.18 3.45
CA LYS C 183 -22.57 22.34 4.27
C LYS C 183 -22.58 21.91 5.75
N ASN C 184 -23.09 20.70 6.05
CA ASN C 184 -23.07 20.30 7.48
C ASN C 184 -21.66 20.05 7.95
N TYR C 185 -20.78 19.61 7.03
CA TYR C 185 -19.38 19.42 7.41
C TYR C 185 -18.78 20.75 7.86
N GLY C 186 -18.97 21.80 7.05
CA GLY C 186 -18.44 23.12 7.41
C GLY C 186 -19.07 23.66 8.70
N ARG C 187 -20.36 23.37 8.90
CA ARG C 187 -21.04 23.82 10.14
C ARG C 187 -20.35 23.16 11.36
N ALA C 188 -20.13 21.86 11.26
CA ALA C 188 -19.49 21.17 12.36
C ALA C 188 -18.08 21.67 12.58
N CYS C 189 -17.30 21.85 11.50
CA CYS C 189 -15.96 22.40 11.58
C CYS C 189 -15.93 23.75 12.27
N TYR C 190 -16.77 24.68 11.84
CA TYR C 190 -16.76 26.02 12.45
C TYR C 190 -17.04 25.97 13.95
N GLU C 191 -18.05 25.20 14.32
CA GLU C 191 -18.40 25.16 15.77
C GLU C 191 -17.26 24.57 16.61
N CYS C 192 -16.59 23.54 16.08
CA CYS C 192 -15.47 22.97 16.83
C CYS C 192 -14.30 23.94 16.93
N LEU C 193 -13.88 24.51 15.79
CA LEU C 193 -12.72 25.41 15.84
C LEU C 193 -12.97 26.65 16.70
N ARG C 194 -14.20 27.17 16.66
CA ARG C 194 -14.45 28.43 17.41
C ARG C 194 -14.41 28.20 18.92
N GLY C 195 -14.56 26.94 19.38
CA GLY C 195 -14.52 26.64 20.81
C GLY C 195 -13.12 26.47 21.35
N GLY C 196 -12.10 26.41 20.50
CA GLY C 196 -10.74 26.31 21.00
C GLY C 196 -9.85 25.26 20.40
N LEU C 197 -10.37 24.42 19.51
CA LEU C 197 -9.49 23.45 18.87
C LEU C 197 -8.65 24.18 17.82
N ASP C 198 -7.44 23.70 17.58
CA ASP C 198 -6.60 24.28 16.51
C ASP C 198 -7.02 23.77 15.12
N PHE C 199 -7.43 22.50 15.13
CA PHE C 199 -7.79 21.83 13.87
C PHE C 199 -9.01 20.96 13.98
N THR C 200 -9.64 20.78 12.82
CA THR C 200 -10.65 19.72 12.65
C THR C 200 -10.09 18.94 11.40
N KCX C 201 -10.75 17.84 11.04
CA KCX C 201 -10.29 17.08 9.87
CB KCX C 201 -9.16 16.11 10.28
CG KCX C 201 -9.54 15.01 11.28
CD KCX C 201 -8.35 14.14 11.70
CE KCX C 201 -7.81 13.19 10.65
NZ KCX C 201 -8.82 12.16 10.21
C KCX C 201 -11.38 16.26 9.26
O KCX C 201 -12.35 15.84 9.90
CX KCX C 201 -9.11 11.04 10.86
OQ1 KCX C 201 -8.39 10.68 11.86
OQ2 KCX C 201 -10.07 10.31 10.52
N ASP C 202 -11.17 16.01 7.97
CA ASP C 202 -11.99 15.04 7.24
C ASP C 202 -11.64 13.66 7.86
N ASP C 203 -12.63 12.80 8.00
CA ASP C 203 -12.31 11.43 8.38
C ASP C 203 -11.45 10.79 7.26
N GLU C 204 -10.67 9.78 7.62
CA GLU C 204 -9.77 9.20 6.60
C GLU C 204 -10.54 8.74 5.36
N ASN C 205 -11.79 8.25 5.52
CA ASN C 205 -12.56 7.75 4.37
C ASN C 205 -13.44 8.79 3.69
N VAL C 206 -13.39 10.05 4.17
CA VAL C 206 -14.10 11.15 3.50
C VAL C 206 -13.20 11.61 2.38
N ASN C 207 -13.57 11.29 1.13
CA ASN C 207 -12.74 11.67 -0.02
C ASN C 207 -13.75 12.44 -0.94
N SER C 208 -14.43 11.77 -1.88
CA SER C 208 -15.50 12.47 -2.67
C SER C 208 -16.53 11.36 -2.91
N GLN C 209 -17.78 11.61 -2.53
CA GLN C 209 -18.80 10.56 -2.55
C GLN C 209 -20.16 11.16 -2.88
N PRO C 210 -21.13 10.30 -3.16
CA PRO C 210 -22.45 10.85 -3.51
C PRO C 210 -23.06 11.77 -2.46
N PHE C 211 -22.84 11.49 -1.18
CA PHE C 211 -23.43 12.35 -0.14
C PHE C 211 -22.69 13.65 0.05
N MET C 212 -21.47 13.77 -0.50
CA MET C 212 -20.69 14.98 -0.29
C MET C 212 -19.48 14.91 -1.26
N ARG C 213 -19.48 15.82 -2.26
CA ARG C 213 -18.37 15.86 -3.24
C ARG C 213 -17.28 16.74 -2.65
N TRP C 214 -16.04 16.41 -2.99
CA TRP C 214 -14.92 17.09 -2.32
C TRP C 214 -14.84 18.59 -2.53
N ARG C 215 -15.14 19.04 -3.75
CA ARG C 215 -14.91 20.45 -3.96
C ARG C 215 -15.90 21.30 -3.16
N ASP C 216 -17.13 20.78 -3.03
CA ASP C 216 -18.12 21.48 -2.18
C ASP C 216 -17.61 21.48 -0.71
N ARG C 217 -17.09 20.35 -0.25
CA ARG C 217 -16.61 20.34 1.12
C ARG C 217 -15.45 21.35 1.30
N PHE C 218 -14.55 21.40 0.34
CA PHE C 218 -13.40 22.28 0.48
C PHE C 218 -13.88 23.74 0.58
N VAL C 219 -14.87 24.13 -0.23
CA VAL C 219 -15.39 25.51 -0.17
C VAL C 219 -15.99 25.80 1.22
N PHE C 220 -16.88 24.92 1.70
CA PHE C 220 -17.53 25.27 2.99
C PHE C 220 -16.55 25.15 4.16
N CYS C 221 -15.60 24.22 4.12
CA CYS C 221 -14.66 24.13 5.22
C CYS C 221 -13.73 25.33 5.18
N ALA C 222 -13.33 25.84 4.01
CA ALA C 222 -12.53 27.08 4.03
C ALA C 222 -13.31 28.20 4.68
N GLU C 223 -14.59 28.32 4.32
CA GLU C 223 -15.40 29.39 4.91
C GLU C 223 -15.38 29.23 6.47
N ALA C 224 -15.53 27.99 6.93
CA ALA C 224 -15.52 27.73 8.39
C ALA C 224 -14.19 28.01 9.05
N ILE C 225 -13.07 27.66 8.41
CA ILE C 225 -11.75 27.92 8.95
C ILE C 225 -11.57 29.42 9.12
N TYR C 226 -11.94 30.18 8.11
CA TYR C 226 -11.69 31.62 8.20
C TYR C 226 -12.67 32.33 9.17
N LYS C 227 -13.89 31.84 9.27
CA LYS C 227 -14.87 32.46 10.18
C LYS C 227 -14.38 32.19 11.61
N SER C 228 -13.99 30.97 11.93
CA SER C 228 -13.52 30.67 13.29
C SER C 228 -12.24 31.38 13.60
N GLN C 229 -11.36 31.54 12.62
CA GLN C 229 -10.12 32.25 12.87
C GLN C 229 -10.41 33.75 13.15
N ALA C 230 -11.33 34.31 12.39
CA ALA C 230 -11.65 35.73 12.59
C ALA C 230 -12.28 35.91 13.95
N GLU C 231 -13.14 34.99 14.36
CA GLU C 231 -13.80 35.16 15.66
C GLU C 231 -12.89 34.99 16.86
N THR C 232 -11.96 34.04 16.78
CA THR C 232 -11.11 33.71 17.94
C THR C 232 -9.78 34.46 17.97
N GLY C 233 -9.30 34.81 16.79
CA GLY C 233 -7.99 35.45 16.69
C GLY C 233 -6.83 34.47 16.65
N GLU C 234 -7.10 33.17 16.63
CA GLU C 234 -6.01 32.17 16.59
C GLU C 234 -6.02 31.54 15.20
N ILE C 235 -4.82 31.18 14.70
CA ILE C 235 -4.78 30.51 13.37
C ILE C 235 -5.48 29.13 13.48
N LYS C 236 -6.34 28.84 12.47
CA LYS C 236 -7.09 27.60 12.46
C LYS C 236 -6.83 26.81 11.16
N GLY C 237 -7.12 25.51 11.22
CA GLY C 237 -6.98 24.70 9.99
C GLY C 237 -8.02 23.56 10.05
N HIS C 238 -8.31 22.98 8.89
CA HIS C 238 -9.17 21.79 8.82
C HIS C 238 -8.42 20.93 7.79
N TYR C 239 -8.00 19.74 8.18
CA TYR C 239 -7.22 18.95 7.22
C TYR C 239 -8.18 18.46 6.08
N LEU C 240 -7.98 18.99 4.88
CA LEU C 240 -8.79 18.62 3.72
C LEU C 240 -8.09 17.43 3.07
N ASN C 241 -8.87 16.37 2.89
CA ASN C 241 -8.31 15.13 2.38
C ASN C 241 -8.04 15.13 0.89
N ALA C 242 -6.78 14.90 0.52
CA ALA C 242 -6.41 14.80 -0.88
C ALA C 242 -6.42 13.36 -1.36
N THR C 243 -6.64 12.39 -0.46
CA THR C 243 -6.64 10.95 -0.83
C THR C 243 -7.65 10.75 -1.99
N ALA C 244 -7.20 10.02 -3.00
CA ALA C 244 -8.08 9.87 -4.16
C ALA C 244 -7.77 8.58 -4.92
N GLY C 245 -8.61 8.32 -5.93
CA GLY C 245 -8.39 7.07 -6.70
C GLY C 245 -7.22 7.10 -7.67
N THR C 246 -6.84 8.32 -8.13
CA THR C 246 -5.75 8.47 -9.05
C THR C 246 -4.88 9.63 -8.61
N CYS C 247 -3.66 9.65 -9.12
CA CYS C 247 -2.71 10.70 -8.79
C CYS C 247 -3.19 12.03 -9.32
N GLU C 248 -3.84 12.04 -10.47
CA GLU C 248 -4.30 13.29 -11.01
C GLU C 248 -5.40 13.89 -10.15
N GLU C 249 -6.30 13.06 -9.61
CA GLU C 249 -7.35 13.59 -8.74
C GLU C 249 -6.74 14.05 -7.41
N MET C 250 -5.75 13.33 -6.90
CA MET C 250 -5.13 13.74 -5.62
C MET C 250 -4.49 15.15 -5.80
N ILE C 251 -3.74 15.34 -6.86
CA ILE C 251 -3.09 16.64 -7.08
C ILE C 251 -4.15 17.72 -7.34
N LYS C 252 -5.21 17.41 -8.04
CA LYS C 252 -6.26 18.37 -8.31
C LYS C 252 -6.83 18.89 -6.98
N ARG C 253 -6.99 17.98 -6.02
CA ARG C 253 -7.56 18.40 -4.71
C ARG C 253 -6.57 19.27 -3.96
N ALA C 254 -5.32 18.85 -3.94
CA ALA C 254 -4.29 19.68 -3.27
C ALA C 254 -4.19 21.11 -3.94
N VAL C 255 -4.32 21.17 -5.27
CA VAL C 255 -4.21 22.43 -5.96
C VAL C 255 -5.36 23.37 -5.54
N PHE C 256 -6.55 22.83 -5.31
CA PHE C 256 -7.65 23.72 -4.88
C PHE C 256 -7.43 24.14 -3.43
N ALA C 257 -6.94 23.25 -2.56
CA ALA C 257 -6.64 23.71 -1.22
C ALA C 257 -5.63 24.86 -1.29
N ARG C 258 -4.64 24.72 -2.17
CA ARG C 258 -3.64 25.80 -2.34
C ARG C 258 -4.32 27.09 -2.79
N GLU C 259 -5.26 26.99 -3.73
CA GLU C 259 -5.95 28.20 -4.20
C GLU C 259 -6.72 28.87 -3.07
N LEU C 260 -7.35 28.05 -2.23
CA LEU C 260 -8.12 28.57 -1.10
C LEU C 260 -7.24 29.20 0.00
N GLY C 261 -5.96 28.90 -0.03
CA GLY C 261 -5.03 29.51 0.91
C GLY C 261 -4.98 28.85 2.29
N VAL C 262 -5.55 27.64 2.42
CA VAL C 262 -5.64 26.99 3.74
C VAL C 262 -4.31 26.47 4.16
N PRO C 263 -4.12 26.18 5.44
CA PRO C 263 -2.78 25.74 5.86
C PRO C 263 -2.40 24.31 5.79
N ILE C 264 -3.40 23.42 5.73
CA ILE C 264 -3.11 22.01 5.89
C ILE C 264 -4.06 21.08 5.13
N VAL C 265 -3.47 20.05 4.58
CA VAL C 265 -4.23 18.99 3.89
C VAL C 265 -3.82 17.65 4.52
N MET C 266 -4.55 16.59 4.17
CA MET C 266 -4.18 15.25 4.70
C MET C 266 -4.15 14.20 3.57
N HIS C 267 -3.49 13.10 3.87
CA HIS C 267 -3.41 11.99 2.93
C HIS C 267 -3.31 10.67 3.70
N ASP C 268 -3.94 9.63 3.14
CA ASP C 268 -3.91 8.29 3.74
C ASP C 268 -2.75 7.60 3.02
N TYR C 269 -1.56 7.64 3.64
CA TYR C 269 -0.39 7.20 2.89
C TYR C 269 -0.29 5.77 2.49
N LEU C 270 -0.91 4.89 3.27
CA LEU C 270 -0.83 3.47 2.91
C LEU C 270 -1.91 3.06 1.92
N THR C 271 -3.11 3.58 2.06
CA THR C 271 -4.16 3.20 1.11
C THR C 271 -3.99 3.95 -0.22
N GLY C 272 -3.54 5.20 -0.19
CA GLY C 272 -3.19 5.88 -1.42
C GLY C 272 -1.87 5.28 -1.97
N GLY C 273 -0.90 5.02 -1.07
CA GLY C 273 0.35 4.39 -1.43
C GLY C 273 1.54 5.31 -1.42
N PHE C 274 2.74 4.71 -1.29
CA PHE C 274 3.95 5.53 -1.19
C PHE C 274 4.29 6.32 -2.44
N THR C 275 4.02 5.79 -3.64
CA THR C 275 4.39 6.58 -4.83
C THR C 275 3.53 7.87 -4.84
N ALA C 276 2.24 7.74 -4.63
CA ALA C 276 1.42 8.97 -4.55
C ALA C 276 1.77 9.85 -3.33
N ASN C 277 2.03 9.21 -2.18
CA ASN C 277 2.35 10.01 -1.01
C ASN C 277 3.62 10.87 -1.20
N THR C 278 4.65 10.28 -1.83
CA THR C 278 5.91 11.01 -2.00
C THR C 278 5.65 12.18 -2.95
N SER C 279 4.88 11.96 -4.03
CA SER C 279 4.52 13.07 -4.93
C SER C 279 3.80 14.17 -4.17
N LEU C 280 2.82 13.79 -3.35
CA LEU C 280 2.06 14.81 -2.61
C LEU C 280 3.00 15.56 -1.61
N ALA C 281 3.91 14.87 -0.94
CA ALA C 281 4.79 15.57 -0.04
C ALA C 281 5.66 16.59 -0.77
N HIS C 282 6.11 16.27 -2.00
CA HIS C 282 6.87 17.25 -2.77
C HIS C 282 5.98 18.45 -3.15
N TYR C 283 4.74 18.19 -3.55
CA TYR C 283 3.82 19.29 -3.90
C TYR C 283 3.61 20.18 -2.66
N CYS C 284 3.41 19.55 -1.49
CA CYS C 284 3.14 20.35 -0.29
C CYS C 284 4.34 21.20 0.10
N ARG C 285 5.56 20.64 -0.03
CA ARG C 285 6.77 21.42 0.24
C ARG C 285 6.80 22.61 -0.76
N ASP C 286 6.52 22.37 -2.04
CA ASP C 286 6.61 23.46 -3.01
C ASP C 286 5.52 24.48 -2.95
N ASN C 287 4.47 24.20 -2.15
CA ASN C 287 3.33 25.11 -2.09
C ASN C 287 2.93 25.55 -0.68
N GLY C 288 3.82 25.29 0.28
CA GLY C 288 3.58 25.76 1.64
C GLY C 288 2.48 25.08 2.44
N LEU C 289 2.06 23.89 2.04
CA LEU C 289 0.95 23.22 2.72
C LEU C 289 1.45 22.21 3.74
N LEU C 290 0.95 22.27 4.97
CA LEU C 290 1.29 21.23 5.95
C LEU C 290 0.58 19.96 5.50
N LEU C 291 1.18 18.82 5.78
CA LEU C 291 0.61 17.56 5.34
C LEU C 291 0.42 16.60 6.53
N HIS C 292 -0.84 16.44 6.90
CA HIS C 292 -1.19 15.50 7.96
C HIS C 292 -1.31 14.07 7.33
N ILE C 293 -0.69 13.07 7.96
CA ILE C 293 -0.76 11.72 7.38
C ILE C 293 -1.58 10.79 8.30
N HIS C 294 -2.57 10.15 7.67
CA HIS C 294 -3.40 9.16 8.35
C HIS C 294 -2.88 7.77 7.96
N ARG C 295 -2.73 6.88 8.95
CA ARG C 295 -2.17 5.57 8.73
C ARG C 295 -3.19 4.44 8.49
N ALA C 296 -4.35 4.80 7.91
CA ALA C 296 -5.38 3.79 7.58
C ALA C 296 -4.75 2.59 6.90
N MET C 297 -5.18 1.44 7.40
CA MET C 297 -4.85 0.08 6.96
C MET C 297 -3.59 -0.42 7.66
N HIS C 298 -2.88 0.40 8.49
CA HIS C 298 -1.64 -0.10 9.07
C HIS C 298 -1.85 -1.34 9.91
N ALA C 299 -2.97 -1.40 10.66
CA ALA C 299 -3.13 -2.57 11.55
C ALA C 299 -3.39 -3.86 10.80
N VAL C 300 -3.72 -3.80 9.52
CA VAL C 300 -3.84 -5.03 8.72
C VAL C 300 -2.45 -5.70 8.64
N ILE C 301 -1.40 -4.86 8.66
CA ILE C 301 0.00 -5.25 8.53
C ILE C 301 0.74 -5.40 9.87
N ASP C 302 0.37 -4.52 10.81
CA ASP C 302 1.22 -4.38 11.99
C ASP C 302 0.72 -4.83 13.34
N ARG C 303 -0.43 -5.50 13.33
CA ARG C 303 -1.00 -5.89 14.63
C ARG C 303 -0.40 -7.11 15.29
N GLN C 304 -0.13 -8.14 14.50
CA GLN C 304 0.29 -9.42 15.09
C GLN C 304 1.79 -9.52 15.27
N LYS C 305 2.21 -10.08 16.41
CA LYS C 305 3.65 -10.23 16.65
C LYS C 305 4.33 -11.26 15.77
N ASN C 306 3.59 -12.27 15.29
CA ASN C 306 4.28 -13.31 14.52
C ASN C 306 4.48 -13.03 13.06
N HIS C 307 3.68 -12.10 12.53
CA HIS C 307 3.75 -11.92 11.07
C HIS C 307 3.35 -10.52 10.67
N GLY C 308 4.06 -9.97 9.64
CA GLY C 308 3.71 -8.65 9.12
C GLY C 308 4.89 -7.69 9.21
N MET C 309 4.58 -6.42 9.52
CA MET C 309 5.64 -5.41 9.70
C MET C 309 5.26 -4.56 10.90
N HIS C 310 6.20 -4.33 11.84
CA HIS C 310 5.85 -3.51 12.98
C HIS C 310 5.61 -2.06 12.52
N PHE C 311 4.73 -1.34 13.22
CA PHE C 311 4.48 0.02 12.86
C PHE C 311 5.75 0.88 12.87
N ARG C 312 6.74 0.58 13.72
CA ARG C 312 7.92 1.48 13.68
C ARG C 312 8.57 1.52 12.29
N VAL C 313 8.47 0.44 11.53
CA VAL C 313 9.05 0.43 10.17
C VAL C 313 8.17 1.36 9.29
N LEU C 314 6.84 1.21 9.41
CA LEU C 314 5.92 2.08 8.64
C LEU C 314 6.09 3.53 9.02
N ALA C 315 6.47 3.81 10.29
CA ALA C 315 6.68 5.17 10.77
C ALA C 315 7.94 5.75 10.17
N LYS C 316 9.04 4.96 10.20
CA LYS C 316 10.25 5.47 9.56
C LYS C 316 10.01 5.72 8.07
N ALA C 317 9.24 4.84 7.43
CA ALA C 317 9.00 5.00 5.99
C ALA C 317 8.21 6.27 5.68
N LEU C 318 7.32 6.64 6.58
CA LEU C 318 6.61 7.87 6.39
C LEU C 318 7.51 9.07 6.61
N ARG C 319 8.38 9.05 7.64
CA ARG C 319 9.24 10.18 7.84
C ARG C 319 10.11 10.35 6.58
N MET C 320 10.47 9.25 5.92
CA MET C 320 11.28 9.35 4.65
C MET C 320 10.43 9.87 3.41
N SER C 321 9.27 9.25 3.19
CA SER C 321 8.40 9.58 2.02
C SER C 321 7.88 11.01 2.20
N GLY C 322 7.48 11.32 3.44
CA GLY C 322 7.16 12.69 3.78
C GLY C 322 5.79 12.92 4.39
N GLY C 323 5.77 13.58 5.55
CA GLY C 323 4.52 13.98 6.22
C GLY C 323 4.92 14.89 7.38
N ASP C 324 4.03 15.85 7.71
CA ASP C 324 4.29 16.77 8.82
C ASP C 324 3.72 16.21 10.11
N HIS C 325 2.64 15.44 9.99
CA HIS C 325 2.05 14.75 11.18
C HIS C 325 1.84 13.28 10.80
N ILE C 326 1.84 12.37 11.77
CA ILE C 326 1.39 11.01 11.47
C ILE C 326 0.72 10.49 12.74
N HIS C 327 -0.39 9.76 12.61
CA HIS C 327 -0.98 9.16 13.81
C HIS C 327 -0.02 8.11 14.40
N ALA C 328 0.05 8.10 15.74
CA ALA C 328 0.96 7.20 16.40
C ALA C 328 0.31 6.45 17.58
N GLY C 329 -1.01 6.55 17.70
CA GLY C 329 -1.74 5.83 18.77
C GLY C 329 -1.96 6.74 19.98
N THR C 330 -2.75 6.19 20.91
CA THR C 330 -3.07 6.92 22.15
C THR C 330 -2.62 6.21 23.43
N VAL C 331 -2.36 4.92 23.30
CA VAL C 331 -2.09 4.00 24.42
C VAL C 331 -3.41 3.77 25.22
N VAL C 332 -4.09 4.84 25.63
CA VAL C 332 -5.29 4.72 26.50
C VAL C 332 -6.64 4.71 25.82
N GLY C 333 -6.65 4.93 24.50
CA GLY C 333 -7.90 4.99 23.77
C GLY C 333 -8.47 3.69 23.23
N LYS C 334 -9.28 3.77 22.16
CA LYS C 334 -9.98 2.59 21.66
C LYS C 334 -9.16 1.63 20.79
N LEU C 335 -8.00 2.10 20.28
CA LEU C 335 -7.16 1.26 19.42
C LEU C 335 -5.90 0.86 20.19
N GLU C 336 -5.34 -0.30 19.84
CA GLU C 336 -4.21 -0.81 20.58
C GLU C 336 -2.93 0.04 20.42
N GLY C 337 -2.13 0.11 21.48
CA GLY C 337 -0.86 0.83 21.38
C GLY C 337 -0.09 0.62 22.68
N GLU C 338 0.71 -0.42 22.73
CA GLU C 338 1.43 -0.68 23.97
C GLU C 338 2.34 0.49 24.28
N ARG C 339 2.36 0.89 25.55
CA ARG C 339 3.11 2.05 25.92
C ARG C 339 4.61 2.13 25.58
N GLU C 340 5.39 1.11 25.98
CA GLU C 340 6.81 1.24 25.77
C GLU C 340 7.15 1.22 24.30
N MET C 341 6.51 0.38 23.52
CA MET C 341 6.85 0.36 22.11
C MET C 341 6.40 1.67 21.41
N THR C 342 5.32 2.27 21.88
CA THR C 342 4.86 3.55 21.33
C THR C 342 5.87 4.66 21.65
N LEU C 343 6.34 4.72 22.89
CA LEU C 343 7.34 5.75 23.19
C LEU C 343 8.56 5.58 22.27
N GLY C 344 8.90 4.34 21.93
CA GLY C 344 10.05 4.11 21.08
C GLY C 344 9.81 4.67 19.67
N PHE C 345 8.68 4.36 19.05
CA PHE C 345 8.51 4.92 17.70
C PHE C 345 8.15 6.38 17.68
N VAL C 346 7.62 6.92 18.79
CA VAL C 346 7.45 8.36 18.85
C VAL C 346 8.81 9.01 18.78
N ASP C 347 9.80 8.44 19.48
CA ASP C 347 11.15 9.06 19.40
C ASP C 347 11.69 8.85 17.97
N LEU C 348 11.45 7.69 17.36
CA LEU C 348 11.91 7.51 15.97
C LEU C 348 11.31 8.56 15.01
N LEU C 349 10.13 9.05 15.31
CA LEU C 349 9.44 10.02 14.45
C LEU C 349 9.89 11.44 14.67
N ARG C 350 10.24 11.77 15.92
CA ARG C 350 10.58 13.17 16.27
C ARG C 350 12.04 13.51 16.40
N ASP C 351 12.82 12.54 16.89
CA ASP C 351 14.20 12.85 17.30
C ASP C 351 15.21 12.78 16.18
N ASP C 352 16.40 13.36 16.42
CA ASP C 352 17.44 13.28 15.42
C ASP C 352 18.26 12.01 15.52
N PHE C 353 18.40 11.49 16.73
CA PHE C 353 19.26 10.34 16.97
C PHE C 353 18.63 9.50 18.03
N ILE C 354 18.36 8.23 17.72
CA ILE C 354 17.62 7.34 18.65
C ILE C 354 18.49 6.10 18.87
N GLU C 355 18.97 5.94 20.09
CA GLU C 355 19.86 4.81 20.38
C GLU C 355 19.13 3.50 20.48
N LYS C 356 19.79 2.44 20.03
CA LYS C 356 19.28 1.07 20.15
C LYS C 356 18.75 0.89 21.62
N ASP C 357 17.58 0.28 21.77
CA ASP C 357 16.98 0.08 23.10
C ASP C 357 15.94 -1.01 22.95
N ARG C 358 16.31 -2.25 23.20
CA ARG C 358 15.34 -3.31 23.02
C ARG C 358 14.14 -3.24 23.98
N ALA C 359 14.27 -2.53 25.10
CA ALA C 359 13.15 -2.41 26.01
C ALA C 359 12.04 -1.53 25.44
N ARG C 360 12.32 -0.90 24.30
CA ARG C 360 11.33 -0.05 23.62
C ARG C 360 11.20 -0.49 22.17
N GLY C 361 11.70 -1.70 21.88
CA GLY C 361 11.62 -2.27 20.55
C GLY C 361 12.47 -1.60 19.49
N ILE C 362 13.48 -0.85 19.91
CA ILE C 362 14.35 -0.15 18.94
C ILE C 362 15.52 -1.13 18.72
N PHE C 363 15.50 -1.87 17.63
CA PHE C 363 16.55 -2.86 17.37
C PHE C 363 17.90 -2.26 16.86
N PHE C 364 17.84 -1.03 16.28
CA PHE C 364 19.03 -0.42 15.69
C PHE C 364 19.08 1.02 16.08
N THR C 365 20.32 1.51 16.23
CA THR C 365 20.47 2.94 16.46
C THR C 365 20.10 3.59 15.12
N GLN C 366 19.34 4.66 15.23
CA GLN C 366 18.85 5.31 14.02
C GLN C 366 19.29 6.78 14.08
N ASP C 367 20.00 7.21 13.07
CA ASP C 367 20.53 8.58 12.99
C ASP C 367 19.84 9.24 11.79
N TRP C 368 19.13 10.32 12.06
CA TRP C 368 18.39 10.99 10.97
C TRP C 368 19.08 12.18 10.27
N VAL C 369 20.29 12.48 10.70
CA VAL C 369 21.08 13.57 10.15
C VAL C 369 20.26 14.83 9.73
N SER C 370 19.51 15.34 10.69
CA SER C 370 18.73 16.58 10.54
C SER C 370 17.49 16.53 9.71
N MET C 371 17.08 15.32 9.30
CA MET C 371 15.76 15.22 8.64
C MET C 371 14.75 15.80 9.68
N PRO C 372 13.80 16.65 9.23
CA PRO C 372 12.83 17.22 10.18
C PRO C 372 12.04 16.13 10.89
N GLY C 373 11.62 16.40 12.10
CA GLY C 373 10.78 15.44 12.82
C GLY C 373 9.32 15.61 12.39
N VAL C 374 8.53 14.58 12.68
CA VAL C 374 7.11 14.51 12.33
C VAL C 374 6.34 14.59 13.62
N ILE C 375 5.27 15.38 13.66
CA ILE C 375 4.48 15.46 14.90
C ILE C 375 3.58 14.21 15.05
N PRO C 376 3.73 13.45 16.15
CA PRO C 376 2.87 12.28 16.35
C PRO C 376 1.47 12.74 16.76
N VAL C 377 0.45 12.04 16.29
CA VAL C 377 -0.94 12.40 16.53
C VAL C 377 -1.65 11.29 17.32
N ALA C 378 -2.19 11.66 18.49
CA ALA C 378 -2.87 10.66 19.33
C ALA C 378 -4.36 10.89 19.10
N SER C 379 -5.03 9.83 18.66
CA SER C 379 -6.40 9.95 18.28
C SER C 379 -7.14 8.63 18.41
N GLY C 380 -8.40 8.68 18.84
CA GLY C 380 -9.21 7.49 18.82
C GLY C 380 -9.74 7.08 20.16
N GLY C 381 -10.99 7.38 20.48
CA GLY C 381 -11.54 6.93 21.77
C GLY C 381 -10.99 7.67 22.97
N ILE C 382 -10.48 8.90 22.83
CA ILE C 382 -10.00 9.63 23.99
C ILE C 382 -10.93 10.75 24.38
N HIS C 383 -10.83 11.14 25.66
CA HIS C 383 -11.69 12.18 26.20
C HIS C 383 -10.97 12.93 27.29
N VAL C 384 -11.66 13.94 27.84
CA VAL C 384 -11.01 14.81 28.81
C VAL C 384 -10.29 14.14 29.96
N TRP C 385 -10.79 13.03 30.49
CA TRP C 385 -10.07 12.43 31.62
C TRP C 385 -8.71 11.86 31.22
N HIS C 386 -8.52 11.64 29.91
CA HIS C 386 -7.25 11.11 29.40
C HIS C 386 -6.22 12.22 29.20
N MET C 387 -6.64 13.45 29.32
CA MET C 387 -5.73 14.56 29.02
C MET C 387 -4.42 14.54 29.80
N PRO C 388 -4.45 14.25 31.12
CA PRO C 388 -3.16 14.23 31.83
C PRO C 388 -2.23 13.14 31.31
N ALA C 389 -2.77 11.95 31.09
CA ALA C 389 -1.93 10.85 30.63
C ALA C 389 -1.35 11.15 29.25
N LEU C 390 -2.19 11.68 28.36
CA LEU C 390 -1.73 11.97 27.00
C LEU C 390 -0.64 13.00 27.06
N THR C 391 -0.82 14.02 27.89
CA THR C 391 0.20 15.09 28.00
C THR C 391 1.53 14.52 28.55
N GLU C 392 1.40 13.60 29.49
CA GLU C 392 2.58 12.98 30.10
C GLU C 392 3.29 12.05 29.10
N ILE C 393 2.53 11.26 28.34
CA ILE C 393 3.13 10.33 27.42
C ILE C 393 3.81 11.01 26.24
N PHE C 394 3.10 11.95 25.63
CA PHE C 394 3.58 12.58 24.39
C PHE C 394 4.29 13.89 24.55
N GLY C 395 3.97 14.65 25.59
CA GLY C 395 4.64 15.94 25.71
C GLY C 395 4.02 16.94 24.74
N ASP C 396 4.64 18.11 24.65
CA ASP C 396 4.07 19.16 23.82
C ASP C 396 4.06 18.90 22.31
N ASP C 397 5.04 18.14 21.80
CA ASP C 397 5.09 17.99 20.32
C ASP C 397 4.25 16.83 19.89
N SER C 398 2.95 17.10 19.87
CA SER C 398 1.95 16.10 19.52
C SER C 398 0.69 16.86 19.14
N VAL C 399 -0.17 16.17 18.43
CA VAL C 399 -1.52 16.66 18.22
C VAL C 399 -2.45 15.65 18.94
N LEU C 400 -3.36 16.15 19.80
CA LEU C 400 -4.33 15.26 20.49
C LEU C 400 -5.67 15.52 19.82
N GLN C 401 -6.30 14.45 19.28
CA GLN C 401 -7.55 14.64 18.52
C GLN C 401 -8.74 13.99 19.18
N PHE C 402 -9.80 14.75 19.29
CA PHE C 402 -11.06 14.32 19.96
C PHE C 402 -12.22 14.52 19.01
N GLY C 403 -12.66 13.44 18.34
CA GLY C 403 -13.79 13.50 17.39
C GLY C 403 -15.06 13.30 18.26
N GLY C 404 -15.30 12.07 18.58
CA GLY C 404 -16.40 11.75 19.51
C GLY C 404 -16.28 12.56 20.79
N GLY C 405 -15.03 12.79 21.21
CA GLY C 405 -14.77 13.53 22.47
C GLY C 405 -15.08 15.01 22.41
N THR C 406 -15.40 15.51 21.21
CA THR C 406 -15.88 16.90 21.04
C THR C 406 -17.35 16.90 20.59
N LEU C 407 -17.66 16.20 19.50
CA LEU C 407 -19.04 16.20 18.98
C LEU C 407 -20.01 15.38 19.85
N GLY C 408 -19.44 14.70 20.84
CA GLY C 408 -20.28 13.92 21.78
C GLY C 408 -20.48 14.74 23.05
N HIS C 409 -19.99 15.96 23.14
CA HIS C 409 -20.24 16.76 24.37
C HIS C 409 -21.75 17.03 24.46
N PRO C 410 -22.36 17.00 25.66
CA PRO C 410 -23.81 17.23 25.72
C PRO C 410 -24.32 18.55 25.30
N TRP C 411 -23.43 19.55 25.23
CA TRP C 411 -23.84 20.90 24.84
C TRP C 411 -23.43 21.27 23.41
N GLY C 412 -22.83 20.29 22.72
CA GLY C 412 -22.47 20.56 21.32
C GLY C 412 -21.01 20.82 21.09
N ASN C 413 -20.71 21.16 19.85
CA ASN C 413 -19.30 21.26 19.44
C ASN C 413 -18.43 22.34 20.03
N ALA C 414 -18.93 23.59 20.11
CA ALA C 414 -18.10 24.66 20.65
C ALA C 414 -17.80 24.37 22.14
N PRO C 415 -18.83 24.01 22.94
CA PRO C 415 -18.54 23.68 24.36
C PRO C 415 -17.65 22.46 24.44
N GLY C 416 -17.82 21.46 23.56
CA GLY C 416 -16.94 20.29 23.63
C GLY C 416 -15.48 20.65 23.34
N ALA C 417 -15.29 21.56 22.39
CA ALA C 417 -13.93 21.98 22.07
C ALA C 417 -13.34 22.78 23.24
N ALA C 418 -14.17 23.63 23.85
CA ALA C 418 -13.67 24.43 24.96
C ALA C 418 -13.31 23.50 26.12
N ALA C 419 -14.11 22.46 26.35
CA ALA C 419 -13.77 21.51 27.45
C ALA C 419 -12.41 20.91 27.20
N ASN C 420 -12.16 20.46 25.93
CA ASN C 420 -10.83 19.87 25.67
C ASN C 420 -9.67 20.88 25.76
N ARG C 421 -9.90 22.09 25.26
CA ARG C 421 -8.84 23.13 25.31
C ARG C 421 -8.58 23.50 26.77
N VAL C 422 -9.63 23.59 27.58
CA VAL C 422 -9.44 23.90 29.01
C VAL C 422 -8.75 22.77 29.71
N ALA C 423 -9.15 21.53 29.46
CA ALA C 423 -8.48 20.44 30.11
C ALA C 423 -6.96 20.43 29.79
N LEU C 424 -6.64 20.59 28.49
CA LEU C 424 -5.26 20.60 28.08
C LEU C 424 -4.48 21.77 28.73
N GLU C 425 -5.04 22.97 28.72
CA GLU C 425 -4.25 24.06 29.31
C GLU C 425 -4.10 23.91 30.80
N ALA C 426 -5.09 23.28 31.44
CA ALA C 426 -4.94 23.08 32.90
C ALA C 426 -3.80 22.07 33.13
N CYS C 427 -3.71 21.04 32.28
CA CYS C 427 -2.60 20.06 32.40
C CYS C 427 -1.26 20.72 32.14
N VAL C 428 -1.21 21.55 31.10
CA VAL C 428 0.04 22.23 30.79
C VAL C 428 0.50 23.15 31.91
N GLN C 429 -0.42 23.95 32.41
CA GLN C 429 -0.04 24.85 33.52
C GLN C 429 0.47 24.02 34.72
N ALA C 430 -0.24 22.95 35.07
CA ALA C 430 0.17 22.12 36.22
C ALA C 430 1.51 21.49 36.01
N ARG C 431 1.70 20.95 34.81
CA ARG C 431 2.97 20.32 34.52
C ARG C 431 4.10 21.32 34.68
N ASN C 432 3.90 22.49 34.13
CA ASN C 432 4.91 23.54 34.13
C ASN C 432 5.23 23.96 35.56
N GLU C 433 4.23 23.93 36.43
CA GLU C 433 4.50 24.30 37.83
C GLU C 433 5.21 23.19 38.62
N GLY C 434 5.34 22.01 38.03
CA GLY C 434 6.06 20.95 38.72
C GLY C 434 5.15 19.82 39.20
N ARG C 435 3.84 19.87 38.90
CA ARG C 435 2.96 18.77 39.34
C ARG C 435 3.21 17.52 38.53
N ASP C 436 2.88 16.38 39.11
CA ASP C 436 3.18 15.11 38.47
C ASP C 436 1.88 14.70 37.78
N LEU C 437 1.84 14.79 36.45
CA LEU C 437 0.58 14.46 35.74
C LEU C 437 0.17 13.04 35.92
N ALA C 438 1.16 12.14 36.05
CA ALA C 438 0.83 10.72 36.20
C ALA C 438 0.14 10.41 37.53
N ARG C 439 0.43 11.17 38.56
CA ARG C 439 -0.18 10.92 39.86
C ARG C 439 -1.31 11.88 40.26
N GLU C 440 -1.26 13.11 39.75
CA GLU C 440 -2.22 14.13 40.12
C GLU C 440 -3.20 14.49 39.01
N GLY C 441 -3.18 13.76 37.90
CA GLY C 441 -4.06 14.15 36.80
C GLY C 441 -5.53 14.29 37.09
N ASN C 442 -6.12 13.33 37.81
CA ASN C 442 -7.53 13.37 38.13
C ASN C 442 -7.80 14.62 38.98
N GLU C 443 -6.94 14.93 39.94
CA GLU C 443 -7.13 16.15 40.76
C GLU C 443 -6.99 17.43 39.90
N ILE C 444 -6.07 17.43 38.93
CA ILE C 444 -5.91 18.61 38.11
C ILE C 444 -7.19 18.84 37.26
N ILE C 445 -7.77 17.77 36.74
CA ILE C 445 -8.97 17.91 35.93
C ILE C 445 -10.13 18.36 36.86
N ARG C 446 -10.22 17.77 38.04
CA ARG C 446 -11.33 18.18 38.95
C ARG C 446 -11.19 19.61 39.36
N SER C 447 -9.98 20.11 39.52
CA SER C 447 -9.84 21.50 39.88
C SER C 447 -10.29 22.42 38.76
N ALA C 448 -10.03 22.02 37.51
CA ALA C 448 -10.46 22.91 36.43
C ALA C 448 -11.96 22.89 36.27
N CYS C 449 -12.60 21.79 36.69
CA CYS C 449 -14.06 21.74 36.63
C CYS C 449 -14.64 22.84 37.57
N LYS C 450 -13.88 23.33 38.53
CA LYS C 450 -14.44 24.35 39.43
C LYS C 450 -14.73 25.64 38.75
N TRP C 451 -14.05 25.90 37.64
CA TRP C 451 -14.32 27.14 36.95
C TRP C 451 -14.73 26.96 35.50
N SER C 452 -14.80 25.72 35.04
CA SER C 452 -15.23 25.49 33.61
C SER C 452 -16.44 24.57 33.57
N PRO C 453 -17.64 25.15 33.38
CA PRO C 453 -18.85 24.32 33.32
C PRO C 453 -18.82 23.33 32.13
N GLU C 454 -18.18 23.79 31.04
CA GLU C 454 -18.03 22.94 29.84
C GLU C 454 -17.20 21.69 30.17
N LEU C 455 -16.07 21.88 30.87
CA LEU C 455 -15.29 20.72 31.22
C LEU C 455 -16.07 19.84 32.22
N ALA C 456 -16.76 20.48 33.17
CA ALA C 456 -17.50 19.64 34.16
C ALA C 456 -18.52 18.74 33.48
N ALA C 457 -19.23 19.28 32.48
CA ALA C 457 -20.22 18.50 31.75
C ALA C 457 -19.56 17.34 31.01
N ALA C 458 -18.40 17.58 30.40
CA ALA C 458 -17.70 16.48 29.71
C ALA C 458 -17.23 15.44 30.71
N CYS C 459 -16.72 15.91 31.85
CA CYS C 459 -16.21 14.95 32.85
C CYS C 459 -17.32 14.03 33.37
N GLU C 460 -18.50 14.59 33.51
CA GLU C 460 -19.63 13.79 34.01
C GLU C 460 -20.06 12.72 33.04
N ILE C 461 -20.04 13.04 31.74
CA ILE C 461 -20.46 12.04 30.77
C ILE C 461 -19.49 10.87 30.59
N TRP C 462 -18.20 11.17 30.69
CA TRP C 462 -17.19 10.16 30.40
C TRP C 462 -16.40 9.60 31.54
N LYS C 463 -16.79 10.01 32.74
CA LYS C 463 -16.04 9.50 33.89
C LYS C 463 -15.95 7.99 34.00
N ALA C 464 -16.91 7.24 33.55
CA ALA C 464 -16.69 5.79 33.70
C ALA C 464 -16.12 5.06 32.48
N ILE C 465 -15.64 5.81 31.51
CA ILE C 465 -15.23 5.16 30.27
C ILE C 465 -13.75 4.94 30.17
N LYS C 466 -13.36 3.67 30.11
CA LYS C 466 -11.94 3.34 30.02
C LYS C 466 -11.85 2.18 29.05
N PHE C 467 -10.72 2.09 28.37
CA PHE C 467 -10.50 1.03 27.39
C PHE C 467 -9.33 0.22 27.90
N GLU C 468 -9.65 -0.88 28.56
CA GLU C 468 -8.62 -1.71 29.14
C GLU C 468 -8.72 -3.11 28.57
N PHE C 469 -7.79 -3.39 27.66
CA PHE C 469 -7.69 -4.68 27.02
C PHE C 469 -6.21 -5.06 26.92
N GLU C 470 -5.92 -6.35 26.95
CA GLU C 470 -4.54 -6.79 26.83
C GLU C 470 -4.08 -6.57 25.39
N PRO C 471 -2.90 -5.96 25.19
CA PRO C 471 -2.49 -5.78 23.80
C PRO C 471 -2.09 -7.13 23.19
N VAL C 472 -2.24 -7.24 21.87
CA VAL C 472 -1.92 -8.43 21.12
C VAL C 472 -0.42 -8.50 20.90
N ASP C 473 0.23 -7.36 20.78
CA ASP C 473 1.69 -7.31 20.55
C ASP C 473 2.39 -6.80 21.82
N LYS C 474 3.31 -7.59 22.39
CA LYS C 474 4.07 -7.15 23.58
C LYS C 474 5.55 -7.28 23.30
N LEU C 475 6.39 -6.49 23.94
CA LEU C 475 7.81 -6.62 23.62
C LEU C 475 8.35 -7.88 24.32
N MME D 1 -27.57 23.92 29.53
CA MME D 1 -26.79 23.99 28.29
C MME D 1 -26.32 25.44 28.13
O MME D 1 -27.12 26.37 28.08
CB MME D 1 -27.66 23.54 27.12
CG MME D 1 -26.92 23.32 25.79
SD MME D 1 -27.78 22.29 24.53
CE MME D 1 -28.48 21.03 25.52
CM MME D 1 -27.03 24.14 30.73
N GLN D 2 -25.01 25.67 28.05
CA GLN D 2 -24.48 27.00 27.85
C GLN D 2 -23.95 27.13 26.44
N VAL D 3 -24.09 28.33 25.86
CA VAL D 3 -23.66 28.66 24.49
C VAL D 3 -22.28 29.32 24.60
N TRP D 4 -21.30 28.81 23.86
CA TRP D 4 -19.98 29.39 23.93
C TRP D 4 -20.05 30.81 23.34
N PRO D 5 -19.46 31.79 24.05
CA PRO D 5 -19.53 33.16 23.54
C PRO D 5 -18.96 33.39 22.16
N ILE D 6 -19.55 34.33 21.41
CA ILE D 6 -19.04 34.62 20.06
C ILE D 6 -18.26 35.94 20.02
N GLU D 7 -18.28 36.65 21.13
CA GLU D 7 -17.58 37.94 21.21
C GLU D 7 -16.99 38.18 22.57
N GLY D 8 -16.00 39.07 22.62
CA GLY D 8 -15.41 39.45 23.88
C GLY D 8 -14.42 38.47 24.49
N ILE D 9 -14.22 37.31 23.84
CA ILE D 9 -13.27 36.36 24.37
C ILE D 9 -12.26 35.93 23.32
N LYS D 10 -11.70 36.90 22.61
CA LYS D 10 -10.67 36.55 21.64
C LYS D 10 -9.56 35.95 22.43
N LYS D 11 -8.75 35.15 21.76
CA LYS D 11 -7.71 34.38 22.44
C LYS D 11 -6.31 34.69 22.02
N PHE D 12 -5.36 34.21 22.82
CA PHE D 12 -3.96 34.47 22.69
C PHE D 12 -3.08 33.26 22.84
N GLU D 13 -3.53 32.13 22.24
CA GLU D 13 -2.77 30.88 22.27
C GLU D 13 -2.58 30.32 23.67
N THR D 14 -1.46 29.67 23.95
CA THR D 14 -1.32 28.92 25.20
C THR D 14 -1.57 29.71 26.49
N LEU D 15 -2.42 29.09 27.32
CA LEU D 15 -2.88 29.53 28.64
C LEU D 15 -4.03 30.50 28.55
N SER D 16 -4.36 30.98 27.36
CA SER D 16 -5.49 31.94 27.28
C SER D 16 -6.91 31.43 27.51
N TYR D 17 -7.11 30.12 27.71
CA TYR D 17 -8.44 29.59 28.07
C TYR D 17 -8.50 29.40 29.61
N LEU D 18 -7.40 29.73 30.27
CA LEU D 18 -7.41 29.63 31.74
C LEU D 18 -7.87 30.96 32.27
N PRO D 19 -8.26 31.01 33.56
CA PRO D 19 -8.68 32.30 34.11
C PRO D 19 -7.45 33.23 34.03
N PRO D 20 -7.64 34.54 34.12
CA PRO D 20 -6.51 35.46 34.03
C PRO D 20 -5.38 35.06 34.94
N LEU D 21 -4.17 35.15 34.42
CA LEU D 21 -3.03 34.75 35.22
C LEU D 21 -2.66 35.85 36.24
N THR D 22 -2.34 35.42 37.46
CA THR D 22 -1.89 36.35 38.49
C THR D 22 -0.38 36.49 38.42
N VAL D 23 0.17 37.43 39.17
CA VAL D 23 1.61 37.61 39.21
C VAL D 23 2.25 36.31 39.63
N GLU D 24 1.64 35.61 40.58
CA GLU D 24 2.18 34.33 41.04
C GLU D 24 2.24 33.31 39.86
N ASP D 25 1.15 33.24 39.11
CA ASP D 25 1.01 32.32 37.95
C ASP D 25 2.07 32.66 36.91
N LEU D 26 2.24 33.96 36.64
CA LEU D 26 3.24 34.39 35.67
C LEU D 26 4.62 33.99 36.18
N LEU D 27 4.92 34.22 37.46
CA LEU D 27 6.24 33.88 37.97
C LEU D 27 6.52 32.42 37.86
N LYS D 28 5.51 31.61 38.13
CA LYS D 28 5.71 30.18 38.04
C LYS D 28 5.99 29.71 36.60
N GLN D 29 5.33 30.31 35.62
CA GLN D 29 5.67 29.95 34.22
C GLN D 29 7.11 30.40 33.88
N ILE D 30 7.52 31.57 34.35
CA ILE D 30 8.89 32.06 34.08
C ILE D 30 9.92 31.14 34.77
N GLU D 31 9.60 30.72 36.00
CA GLU D 31 10.49 29.80 36.72
C GLU D 31 10.64 28.49 35.98
N TYR D 32 9.56 27.99 35.36
CA TYR D 32 9.61 26.72 34.58
C TYR D 32 10.54 26.96 33.39
N LEU D 33 10.36 28.11 32.76
CA LEU D 33 11.21 28.47 31.62
C LEU D 33 12.70 28.48 32.02
N LEU D 34 13.05 29.16 33.13
CA LEU D 34 14.46 29.23 33.58
C LEU D 34 15.02 27.88 34.11
N ARG D 35 14.22 27.11 34.84
CA ARG D 35 14.73 25.82 35.31
C ARG D 35 15.02 24.92 34.12
N SER D 36 14.25 25.10 33.05
CA SER D 36 14.43 24.29 31.82
C SER D 36 15.62 24.79 30.99
N LYS D 37 16.27 25.88 31.43
CA LYS D 37 17.43 26.46 30.77
C LYS D 37 17.08 27.09 29.42
N TRP D 38 15.86 27.61 29.32
CA TRP D 38 15.48 28.31 28.12
C TRP D 38 15.72 29.81 28.32
N VAL D 39 15.78 30.54 27.22
CA VAL D 39 16.01 31.97 27.28
C VAL D 39 14.70 32.74 27.17
N PRO D 40 14.40 33.63 28.14
CA PRO D 40 13.18 34.40 28.08
C PRO D 40 13.33 35.61 27.17
N CYS D 41 12.23 36.03 26.58
CA CYS D 41 12.22 37.24 25.78
C CYS D 41 10.82 37.83 25.85
N LEU D 42 10.71 39.16 25.83
CA LEU D 42 9.44 39.79 25.80
C LEU D 42 9.20 40.34 24.41
N GLU D 43 7.92 40.39 24.01
CA GLU D 43 7.54 40.94 22.70
C GLU D 43 6.26 41.75 22.95
N PHE D 44 6.01 42.75 22.11
CA PHE D 44 4.83 43.55 22.32
C PHE D 44 4.25 44.03 21.03
N SER D 45 2.96 44.36 21.06
CA SER D 45 2.28 44.81 19.83
C SER D 45 1.00 45.53 20.17
N LYS D 46 0.69 46.53 19.38
CA LYS D 46 -0.60 47.19 19.54
C LYS D 46 -1.71 46.47 18.74
N VAL D 47 -1.36 45.48 17.93
CA VAL D 47 -2.35 44.70 17.14
C VAL D 47 -2.31 43.33 17.79
N GLY D 48 -3.43 42.82 18.25
CA GLY D 48 -3.23 41.56 18.96
C GLY D 48 -3.32 40.24 18.22
N PHE D 49 -3.79 40.28 16.99
CA PHE D 49 -4.11 39.05 16.29
C PHE D 49 -3.55 39.00 14.88
N VAL D 50 -3.60 37.79 14.33
CA VAL D 50 -3.16 37.62 12.94
C VAL D 50 -4.20 38.18 11.94
N TYR D 51 -3.77 38.44 10.72
CA TYR D 51 -4.69 38.95 9.67
C TYR D 51 -4.04 38.56 8.34
N ARG D 52 -4.66 38.87 7.20
CA ARG D 52 -4.03 38.48 5.91
C ARG D 52 -4.21 39.60 4.91
N GLU D 53 -3.29 40.55 4.93
CA GLU D 53 -3.35 41.71 4.06
C GLU D 53 -2.48 41.59 2.81
N ASN D 54 -1.27 41.05 2.98
CA ASN D 54 -0.34 41.02 1.85
C ASN D 54 -0.40 39.78 1.00
N HIS D 55 -0.97 38.71 1.55
CA HIS D 55 -1.00 37.45 0.75
C HIS D 55 -1.96 36.52 1.41
N ARG D 56 -2.49 35.57 0.63
CA ARG D 56 -3.37 34.54 1.18
C ARG D 56 -2.93 33.14 0.75
N SER D 57 -1.67 32.95 0.39
CA SER D 57 -1.17 31.64 0.00
C SER D 57 -0.97 30.78 1.27
N PRO D 58 -0.92 29.43 1.11
CA PRO D 58 -0.76 28.57 2.29
C PRO D 58 0.40 28.93 3.19
N GLY D 59 0.07 29.04 4.50
CA GLY D 59 1.09 29.32 5.48
C GLY D 59 1.50 30.78 5.56
N TYR D 60 0.88 31.66 4.78
CA TYR D 60 1.22 33.09 4.88
C TYR D 60 0.16 33.79 5.72
N TYR D 61 0.61 34.44 6.79
CA TYR D 61 -0.28 35.32 7.56
C TYR D 61 0.53 36.53 7.94
N ASP D 62 -0.20 37.64 8.08
CA ASP D 62 0.46 38.82 8.67
C ASP D 62 0.12 38.80 10.17
N GLY D 63 0.89 39.56 10.97
CA GLY D 63 0.60 39.66 12.39
C GLY D 63 1.15 38.58 13.26
N ARG D 64 1.95 37.67 12.72
CA ARG D 64 2.52 36.62 13.57
C ARG D 64 3.70 37.24 14.29
N TYR D 65 4.49 38.10 13.65
CA TYR D 65 5.57 38.75 14.38
C TYR D 65 5.06 39.90 15.24
N TRP D 66 5.56 39.96 16.48
CA TRP D 66 5.30 41.16 17.32
C TRP D 66 6.69 41.81 17.40
N THR D 67 6.80 42.93 18.09
CA THR D 67 8.08 43.65 18.19
C THR D 67 8.87 43.16 19.42
N MET D 68 10.18 42.96 19.26
CA MET D 68 11.00 42.48 20.37
C MET D 68 11.21 43.59 21.41
N TRP D 69 10.99 43.28 22.68
CA TRP D 69 11.29 44.29 23.73
C TRP D 69 12.78 44.03 24.06
N LYS D 70 13.69 44.98 23.78
CA LYS D 70 15.13 44.84 24.04
C LYS D 70 15.70 43.60 23.38
N LEU D 71 16.41 42.72 24.08
CA LEU D 71 16.97 41.52 23.49
C LEU D 71 16.58 40.33 24.40
N PRO D 72 16.74 39.09 23.91
CA PRO D 72 16.42 37.93 24.75
C PRO D 72 17.33 38.06 25.99
N MET D 73 16.86 37.52 27.09
CA MET D 73 17.61 37.62 28.35
C MET D 73 18.60 36.53 28.57
N PHE D 74 19.62 36.48 27.72
CA PHE D 74 20.64 35.45 27.79
C PHE D 74 21.30 35.47 29.17
N GLY D 75 21.47 34.29 29.77
CA GLY D 75 22.09 34.23 31.10
C GLY D 75 21.22 34.60 32.31
N CYS D 76 19.96 34.94 32.08
CA CYS D 76 19.03 35.28 33.16
C CYS D 76 18.84 34.09 34.08
N THR D 77 18.91 34.33 35.38
CA THR D 77 18.67 33.22 36.32
C THR D 77 17.65 33.66 37.35
N ASP D 78 17.12 34.85 37.20
CA ASP D 78 16.14 35.33 38.16
C ASP D 78 14.80 35.71 37.56
N ALA D 79 13.76 34.98 37.92
CA ALA D 79 12.43 35.28 37.36
C ALA D 79 11.90 36.67 37.67
N THR D 80 12.28 37.25 38.80
CA THR D 80 11.78 38.58 39.12
C THR D 80 12.39 39.64 38.17
N GLN D 81 13.54 39.33 37.61
CA GLN D 81 14.15 40.23 36.63
C GLN D 81 13.27 40.28 35.37
N VAL D 82 12.72 39.13 34.96
CA VAL D 82 11.83 39.09 33.80
C VAL D 82 10.60 39.92 34.14
N LEU D 83 10.07 39.75 35.36
CA LEU D 83 8.91 40.55 35.76
C LEU D 83 9.22 42.04 35.75
N LYS D 84 10.44 42.40 36.16
CA LYS D 84 10.81 43.82 36.12
C LYS D 84 10.75 44.38 34.69
N GLU D 85 11.22 43.61 33.72
CA GLU D 85 11.16 44.04 32.32
C GLU D 85 9.74 44.14 31.84
N LEU D 86 8.90 43.21 32.29
CA LEU D 86 7.53 43.28 31.91
C LEU D 86 6.93 44.59 32.45
N GLU D 87 7.30 44.97 33.67
CA GLU D 87 6.77 46.22 34.22
C GLU D 87 7.26 47.42 33.43
N GLU D 88 8.52 47.39 33.02
CA GLU D 88 9.05 48.47 32.18
C GLU D 88 8.32 48.57 30.82
N ALA D 89 8.03 47.41 30.21
CA ALA D 89 7.31 47.40 28.93
C ALA D 89 5.91 47.97 29.06
N LYS D 90 5.19 47.58 30.12
CA LYS D 90 3.84 48.08 30.35
C LYS D 90 3.84 49.60 30.55
N LYS D 91 4.87 50.07 31.24
CA LYS D 91 5.01 51.49 31.49
C LYS D 91 5.27 52.25 30.19
N ALA D 92 6.10 51.70 29.33
CA ALA D 92 6.43 52.34 28.06
C ALA D 92 5.30 52.27 27.07
N TYR D 93 4.61 51.13 27.07
CA TYR D 93 3.54 50.89 26.12
C TYR D 93 2.31 50.35 26.83
N PRO D 94 1.65 51.19 27.64
CA PRO D 94 0.46 50.70 28.34
C PRO D 94 -0.69 50.30 27.42
N ASP D 95 -0.64 50.75 26.16
CA ASP D 95 -1.69 50.42 25.19
C ASP D 95 -1.28 49.26 24.28
N ALA D 96 -0.26 48.50 24.67
CA ALA D 96 0.18 47.36 23.86
C ALA D 96 -0.04 46.06 24.61
N PHE D 97 -0.20 44.98 23.85
CA PHE D 97 -0.20 43.68 24.41
C PHE D 97 1.26 43.29 24.61
N VAL D 98 1.56 42.53 25.67
CA VAL D 98 2.91 42.06 25.92
C VAL D 98 2.90 40.55 26.18
N ARG D 99 3.76 39.84 25.46
CA ARG D 99 3.85 38.42 25.72
C ARG D 99 5.25 37.98 26.14
N ILE D 100 5.35 36.88 26.87
CA ILE D 100 6.65 36.37 27.28
C ILE D 100 6.86 35.10 26.53
N ILE D 101 8.04 34.92 25.95
CA ILE D 101 8.37 33.71 25.23
C ILE D 101 9.64 33.11 25.81
N GLY D 102 9.90 31.84 25.49
CA GLY D 102 11.07 31.15 25.97
C GLY D 102 11.61 30.25 24.86
N PHE D 103 12.91 30.31 24.54
CA PHE D 103 13.34 29.41 23.48
C PHE D 103 14.54 28.62 23.85
N ASP D 104 14.63 27.49 23.14
CA ASP D 104 15.71 26.54 23.27
C ASP D 104 16.50 26.69 21.98
N ASN D 105 17.75 27.13 22.12
CA ASN D 105 18.60 27.36 20.94
C ASN D 105 19.13 26.08 20.30
N VAL D 106 19.03 24.94 20.98
CA VAL D 106 19.52 23.70 20.36
C VAL D 106 18.48 23.14 19.38
N ARG D 107 17.23 23.07 19.81
CA ARG D 107 16.19 22.63 18.89
C ARG D 107 15.78 23.83 18.02
N GLN D 108 16.16 25.03 18.47
CA GLN D 108 15.81 26.31 17.83
C GLN D 108 14.30 26.40 17.60
N VAL D 109 13.58 26.46 18.71
CA VAL D 109 12.14 26.64 18.62
C VAL D 109 11.67 27.26 19.95
N GLN D 110 10.60 28.04 19.90
CA GLN D 110 10.04 28.58 21.15
C GLN D 110 9.31 27.44 21.88
N LEU D 111 9.61 27.26 23.19
CA LEU D 111 9.02 26.17 23.95
C LEU D 111 7.91 26.65 24.86
N ILE D 112 7.69 27.95 24.89
CA ILE D 112 6.62 28.49 25.74
C ILE D 112 6.34 29.89 25.22
N SER D 113 5.09 30.30 25.32
CA SER D 113 4.68 31.62 24.87
C SER D 113 3.32 31.95 25.42
N PHE D 114 3.22 33.02 26.22
CA PHE D 114 1.92 33.35 26.78
C PHE D 114 1.74 34.86 26.93
N ILE D 115 0.50 35.32 26.87
CA ILE D 115 0.24 36.76 27.05
C ILE D 115 0.45 37.12 28.53
N ALA D 116 1.21 38.18 28.76
CA ALA D 116 1.52 38.62 30.13
C ALA D 116 0.87 39.95 30.52
N TYR D 117 0.38 40.70 29.54
CA TYR D 117 -0.32 41.97 29.76
C TYR D 117 -1.23 42.32 28.58
N LYS D 118 -2.49 42.72 28.85
CA LYS D 118 -3.45 43.15 27.84
C LYS D 118 -3.80 44.58 28.20
N PRO D 119 -3.86 45.46 27.20
CA PRO D 119 -4.19 46.84 27.48
C PRO D 119 -5.62 47.00 27.91
N PRO D 120 -5.88 48.07 28.65
CA PRO D 120 -7.28 48.14 29.01
C PRO D 120 -8.23 48.51 27.87
N GLY D 121 -9.33 47.78 27.93
CA GLY D 121 -10.34 47.82 26.94
C GLY D 121 -9.94 46.76 25.93
N CYS D 122 -9.23 45.69 26.33
CA CYS D 122 -8.84 44.60 25.41
C CYS D 122 -8.60 43.29 26.15
MG MG E . 10.85 -11.23 -8.99
C1 CAP F . 10.62 -15.51 -9.56
C2 CAP F . 10.49 -14.04 -9.10
C3 CAP F . 9.02 -13.66 -8.99
C4 CAP F . 8.15 -14.37 -7.94
C5 CAP F . 7.09 -13.49 -7.33
C CAP F . 11.20 -13.77 -7.79
O1 CAP F . 12.00 -15.83 -9.76
O2 CAP F . 11.07 -13.15 -10.09
O3 CAP F . 8.93 -12.23 -8.87
O4 CAP F . 7.57 -15.44 -8.64
O5 CAP F . 6.29 -14.31 -6.46
O6 CAP F . 11.56 -12.60 -7.58
O7 CAP F . 11.41 -14.70 -6.94
P1 CAP F . 12.27 -17.39 -10.25
P2 CAP F . 4.73 -14.50 -6.76
O1P CAP F . 11.49 -17.53 -11.53
O2P CAP F . 11.78 -18.23 -9.11
O3P CAP F . 13.81 -17.42 -10.44
O4P CAP F . 4.61 -14.90 -8.21
O5P CAP F . 4.24 -15.53 -5.78
O6P CAP F . 4.05 -13.13 -6.47
C1 GOL G . -28.54 3.11 -3.14
O1 GOL G . -29.96 3.08 -3.12
C2 GOL G . -28.03 3.13 -1.71
O2 GOL G . -28.38 1.91 -0.95
C3 GOL G . -26.62 3.19 -1.86
O3 GOL G . -26.21 3.88 -0.74
C1 GOL H . -21.67 5.01 20.56
O1 GOL H . -22.27 5.44 21.86
C2 GOL H . -22.58 3.96 19.92
O2 GOL H . -23.87 4.52 19.85
C3 GOL H . -22.15 3.50 18.57
O3 GOL H . -21.85 4.71 17.70
C1 GOL I . -15.05 -0.83 22.96
O1 GOL I . -14.28 -0.62 21.75
C2 GOL I . -15.63 -2.27 22.98
O2 GOL I . -15.93 -2.59 24.35
C3 GOL I . -16.82 -2.42 22.13
O3 GOL I . -18.00 -1.90 22.84
C1 GOL J . -25.73 5.73 17.40
O1 GOL J . -25.03 6.37 18.50
C2 GOL J . -27.19 6.26 17.36
O2 GOL J . -27.94 5.66 18.42
C3 GOL J . -27.24 7.70 17.49
O3 GOL J . -27.18 8.21 16.12
C1 GOL K . -30.29 11.98 18.03
O1 GOL K . -31.31 12.49 17.14
C2 GOL K . -28.92 12.42 17.51
O2 GOL K . -28.97 13.82 17.34
C3 GOL K . -27.85 12.07 18.43
O3 GOL K . -27.64 10.63 18.36
C1 GOL L . 29.23 -7.61 -26.43
O1 GOL L . 30.40 -7.47 -27.20
C2 GOL L . 28.17 -6.64 -26.96
O2 GOL L . 28.67 -5.91 -28.05
C3 GOL L . 26.95 -7.30 -27.34
O3 GOL L . 27.23 -8.64 -27.87
C1 GOL M . -31.13 2.32 14.41
O1 GOL M . -29.87 1.88 14.95
C2 GOL M . -31.01 3.79 13.99
O2 GOL M . -30.88 4.60 15.17
C3 GOL M . -29.86 4.01 13.11
O3 GOL M . -30.15 3.39 11.84
MG MG N . -10.98 8.68 11.24
C1 CAP O . -10.98 8.91 15.54
C2 CAP O . -10.79 8.56 14.06
C3 CAP O . -9.32 8.38 13.76
C4 CAP O . -8.58 7.22 14.44
C5 CAP O . -7.50 6.58 13.59
C CAP O . -11.56 7.34 13.62
O1 CAP O . -12.35 9.15 15.82
O2 CAP O . -11.27 9.62 13.26
O3 CAP O . -9.17 8.36 12.34
O4 CAP O . -8.02 7.75 15.61
O5 CAP O . -6.85 5.58 14.39
O6 CAP O . -11.89 7.25 12.39
O7 CAP O . -11.87 6.44 14.45
P1 CAP O . -12.71 9.52 17.37
P2 CAP O . -5.25 5.77 14.68
O1P CAP O . -11.87 10.74 17.73
O2P CAP O . -12.37 8.31 18.17
O3P CAP O . -14.21 9.82 17.31
O4P CAP O . -5.05 7.15 15.21
O5P CAP O . -4.86 4.67 15.66
O6P CAP O . -4.54 5.53 13.35
C1 GOL P . 29.22 1.28 -0.50
O1 GOL P . 30.55 1.18 -0.87
C2 GOL P . 28.59 0.07 -1.12
O2 GOL P . 28.46 -0.96 -0.08
C3 GOL P . 27.33 0.49 -1.69
O3 GOL P . 26.49 -0.70 -1.92
C1 GOL Q . 0.51 -0.57 0.98
O1 GOL Q . 0.79 0.87 0.74
C2 GOL Q . -0.85 -0.97 0.29
O2 GOL Q . -0.71 -0.67 -1.08
C3 GOL Q . -1.38 -2.41 0.45
O3 GOL Q . -2.90 -2.46 -0.04
C1 GOL R . 13.36 -23.99 -0.38
O1 GOL R . 12.84 -22.63 -0.40
C2 GOL R . 13.91 -24.34 1.02
O2 GOL R . 14.30 -25.74 0.97
C3 GOL R . 15.07 -23.46 1.41
O3 GOL R . 16.35 -24.16 1.06
C1 GOL S . -10.20 35.62 8.53
O1 GOL S . -10.34 34.40 9.20
C2 GOL S . -8.72 35.69 8.29
O2 GOL S . -8.53 35.82 6.88
C3 GOL S . -8.13 36.80 9.07
O3 GOL S . -7.46 36.14 10.25
C1 GOL T . 20.65 -21.49 -5.48
O1 GOL T . 21.19 -22.73 -6.07
C2 GOL T . 21.56 -21.06 -4.32
O2 GOL T . 22.86 -20.95 -4.86
C3 GOL T . 21.14 -19.78 -3.70
O3 GOL T . 20.91 -18.73 -4.79
C1 GOL U . 27.88 -18.39 -10.60
O1 GOL U . 26.80 -19.24 -10.99
C2 GOL U . 29.10 -18.65 -11.47
O2 GOL U . 28.75 -18.43 -12.85
C3 GOL U . 30.19 -17.76 -11.07
O3 GOL U . 31.37 -18.16 -11.85
C1 GOL V . 1.16 -0.54 16.45
O1 GOL V . 1.99 -0.45 17.62
C2 GOL V . 0.27 0.73 16.24
O2 GOL V . -1.07 0.27 16.26
C3 GOL V . 0.50 1.87 17.21
O3 GOL V . -0.81 2.41 17.77
C1 GOL W . 12.11 18.36 13.97
O1 GOL W . 11.88 19.24 12.79
C2 GOL W . 13.58 17.86 14.11
O2 GOL W . 14.49 18.94 14.14
C3 GOL W . 13.68 17.16 15.36
O3 GOL W . 14.69 16.12 15.20
C1 GOL X . 7.59 35.23 18.46
O1 GOL X . 6.43 34.84 19.17
C2 GOL X . 7.18 35.91 17.12
O2 GOL X . 6.01 35.26 16.68
C3 GOL X . 6.90 37.33 17.29
O3 GOL X . 8.03 38.16 16.87
C1 GOL Y . -26.01 32.54 26.51
O1 GOL Y . -24.80 33.03 27.17
C2 GOL Y . -26.51 31.22 27.15
O2 GOL Y . -25.39 30.43 27.61
C3 GOL Y . -27.44 31.48 28.24
O3 GOL Y . -28.47 30.41 28.20
#